data_1NL4
#
_entry.id   1NL4
#
_cell.length_a   168.620
_cell.length_b   168.620
_cell.length_c   69.123
_cell.angle_alpha   90.00
_cell.angle_beta   90.00
_cell.angle_gamma   120.00
#
_symmetry.space_group_name_H-M   'P 61'
#
loop_
_entity.id
_entity.type
_entity.pdbx_description
1 polymer 'Protein farnesyltransferase alpha subunit'
2 polymer 'Protein farnesyltransferase beta subunit'
3 non-polymer 'ZINC ION'
4 non-polymer 'ALPHA-HYDROXYFARNESYLPHOSPHONIC ACID'
5 non-polymer 4-[(3-CYANO-BENZYL)-(3-METHYL-3H-IMIDAZOL-4-YLMETHYL)-AMINO]-2-NAPHTHALEN-1-YL-BENZONITRILE
#
loop_
_entity_poly.entity_id
_entity_poly.type
_entity_poly.pdbx_seq_one_letter_code
_entity_poly.pdbx_strand_id
1 'polypeptide(L)'
;FLSLDSPTYVLYRDRAEWADIDPVPQNDGPSPVVQIIYSEKFRDVYDYFRAVLQRDERSERAFKLTRDAIELNAANYTVW
HFRRVLLRSLQKDLQEEMNYITAIIEEQPKNYQVWHHRRVLVEWLKDPSQELEFIADILNQDAKNYHAWQHRQWVIQEFR
LWDNELQYVDQLLKEDVRNNSVWNQRHFVISNTTGYSDRAVLEREVQYTLEMIKLVPHNESAWNYLKGILQDRGLSRYPN
LLNQLLDLQPSHSSPYLIAFLVDIYEDMLENQCDNKEDILNKALELCEILAKEKDTIRKEYWRYIGRSLQSK
;
A
2 'polypeptide(L)'
;LYSLRPEHARERLQDDSVETVTSIEQAKVEEKIQEVFSSYKFNHLVPRLVLQREKHFHYLKRGLRQLTDAYECLDASRPW
LCYWILHSLELLDEPIPQIVATDVCQFLELCQSPDGGFGGGPGQYPHLAPTYAAVNALCIIGTEEAYNVINREKLLQYLY
SLKQPDGSFLMHVGGEVDVRSAYCAASVASLTNIITPDLFEGTAEWIARCQNWEGGIGGVPGMEAHGGYTFCGLAALVIL
KKERSLNLKSLLQWVTSRQMRFEGGFQGRCNKLVDGCYSFWQAGLLPLLHRALHAQGDPALSMSHWMFHQQALQEYILMC
CQCPAGGLLDKPGKSRDFYHTCYCLSGLSIAQHFGSGAMLHDVVMGVPENVLQPTHPVYNIGPDKVIQATTHFLQKPVPG
F
;
B
#
loop_
_chem_comp.id
_chem_comp.type
_chem_comp.name
_chem_comp.formula
FTL non-polymer 4-[(3-CYANO-BENZYL)-(3-METHYL-3H-IMIDAZOL-4-YLMETHYL)-AMINO]-2-NAPHTHALEN-1-YL-BENZONITRILE 'C30 H23 N5'
HFP non-polymer 'ALPHA-HYDROXYFARNESYLPHOSPHONIC ACID' 'C15 H33 O4 P'
ZN non-polymer 'ZINC ION' 'Zn 2'
#
# COMPACT_ATOMS: atom_id res chain seq x y z
N PHE A 1 -34.37 -1.05 -12.87
CA PHE A 1 -35.77 -0.71 -13.27
C PHE A 1 -35.87 0.72 -13.86
N LEU A 2 -35.24 1.71 -13.20
CA LEU A 2 -35.14 3.11 -13.68
C LEU A 2 -33.63 3.46 -13.53
N SER A 3 -32.94 3.71 -14.66
CA SER A 3 -31.49 3.99 -14.65
C SER A 3 -31.13 5.26 -13.90
N LEU A 4 -30.01 5.23 -13.16
CA LEU A 4 -29.59 6.43 -12.44
C LEU A 4 -29.39 7.56 -13.47
N ASP A 5 -29.07 7.10 -14.67
CA ASP A 5 -28.82 7.95 -15.81
C ASP A 5 -29.99 8.21 -16.76
N SER A 6 -31.12 7.56 -16.57
CA SER A 6 -32.19 7.88 -17.48
C SER A 6 -32.44 9.37 -17.33
N PRO A 7 -32.71 10.02 -18.44
CA PRO A 7 -33.04 11.42 -18.63
C PRO A 7 -34.35 11.37 -17.87
N THR A 8 -34.89 10.15 -17.81
CA THR A 8 -36.19 9.82 -17.20
C THR A 8 -36.04 9.01 -15.92
N TYR A 9 -35.07 9.38 -15.15
CA TYR A 9 -34.71 8.65 -13.94
C TYR A 9 -35.22 9.51 -12.86
N VAL A 10 -35.41 8.97 -11.65
CA VAL A 10 -35.89 9.91 -10.67
C VAL A 10 -35.91 9.75 -9.18
N LEU A 11 -35.95 10.90 -8.53
CA LEU A 11 -36.10 10.95 -7.08
C LEU A 11 -37.20 10.04 -6.46
N TYR A 12 -36.65 9.17 -5.65
CA TYR A 12 -37.38 8.22 -4.85
C TYR A 12 -38.44 8.97 -4.06
N ARG A 13 -38.04 10.05 -3.38
CA ARG A 13 -38.99 10.84 -2.63
C ARG A 13 -40.17 11.07 -3.55
N ASP A 14 -39.83 11.41 -4.81
CA ASP A 14 -40.83 11.70 -5.82
C ASP A 14 -41.63 10.56 -6.37
N ARG A 15 -41.23 9.30 -6.10
CA ARG A 15 -41.92 8.06 -6.56
C ARG A 15 -43.19 7.48 -5.86
N ALA A 16 -44.18 7.14 -6.68
CA ALA A 16 -45.44 6.60 -6.20
C ALA A 16 -45.26 5.31 -5.38
N GLU A 17 -44.39 4.41 -5.82
CA GLU A 17 -44.18 3.15 -5.11
C GLU A 17 -43.26 3.33 -3.95
N TRP A 18 -42.82 4.56 -3.72
CA TRP A 18 -41.92 4.78 -2.62
C TRP A 18 -42.47 5.84 -1.70
N ALA A 19 -43.78 5.82 -1.50
CA ALA A 19 -44.36 6.81 -0.62
C ALA A 19 -44.72 6.25 0.75
N ASP A 20 -44.76 4.94 0.87
CA ASP A 20 -45.11 4.34 2.16
C ASP A 20 -43.92 4.38 3.08
N ILE A 21 -42.84 5.00 2.64
CA ILE A 21 -41.64 4.99 3.46
C ILE A 21 -41.15 6.39 3.60
N ASP A 22 -40.68 6.68 4.81
CA ASP A 22 -40.18 7.98 5.17
C ASP A 22 -38.69 7.91 5.06
N PRO A 23 -38.11 8.76 4.21
CA PRO A 23 -36.66 8.79 4.00
C PRO A 23 -35.86 9.12 5.26
N VAL A 24 -35.07 8.17 5.75
CA VAL A 24 -34.26 8.43 6.92
C VAL A 24 -33.01 9.16 6.43
N PRO A 25 -32.79 10.40 6.93
CA PRO A 25 -31.65 11.25 6.57
C PRO A 25 -30.42 10.89 7.39
N GLN A 26 -29.23 11.26 6.89
CA GLN A 26 -27.99 10.95 7.61
C GLN A 26 -27.84 11.83 8.83
N ASN A 27 -27.37 11.24 9.91
CA ASN A 27 -27.19 11.96 11.17
C ASN A 27 -25.71 12.28 11.50
N ASP A 28 -25.17 13.35 10.92
CA ASP A 28 -23.78 13.74 11.16
C ASP A 28 -23.52 14.56 12.42
N GLY A 29 -24.51 14.70 13.29
CA GLY A 29 -24.32 15.49 14.49
C GLY A 29 -24.51 16.97 14.21
N PRO A 30 -24.96 17.73 15.23
CA PRO A 30 -25.24 19.18 15.27
C PRO A 30 -24.09 20.03 14.74
N SER A 31 -22.88 19.49 14.84
CA SER A 31 -21.67 20.18 14.41
C SER A 31 -20.82 19.25 13.57
N PRO A 32 -21.16 19.15 12.28
CA PRO A 32 -20.49 18.30 11.31
C PRO A 32 -18.99 18.55 11.06
N VAL A 33 -18.34 17.55 10.48
CA VAL A 33 -16.92 17.62 10.18
C VAL A 33 -16.78 16.82 8.91
N VAL A 34 -15.75 17.11 8.11
CA VAL A 34 -15.55 16.38 6.89
C VAL A 34 -16.92 15.98 6.41
N GLN A 35 -17.81 16.95 6.28
CA GLN A 35 -19.16 16.66 5.85
C GLN A 35 -19.28 16.88 4.36
N ILE A 36 -19.73 15.86 3.66
CA ILE A 36 -19.82 15.98 2.22
C ILE A 36 -21.11 16.57 1.73
N ILE A 37 -20.99 17.48 0.78
CA ILE A 37 -22.17 18.09 0.22
C ILE A 37 -22.68 17.22 -0.91
N TYR A 38 -23.57 16.31 -0.60
CA TYR A 38 -24.13 15.39 -1.59
C TYR A 38 -25.10 15.99 -2.58
N SER A 39 -25.20 15.38 -3.75
CA SER A 39 -26.13 15.89 -4.73
C SER A 39 -27.51 15.54 -4.21
N GLU A 40 -28.51 16.31 -4.63
CA GLU A 40 -29.88 16.03 -4.24
C GLU A 40 -30.08 14.56 -4.57
N LYS A 41 -29.44 14.09 -5.66
CA LYS A 41 -29.64 12.68 -6.06
C LYS A 41 -29.03 11.71 -5.12
N PHE A 42 -27.79 11.96 -4.78
CA PHE A 42 -27.06 11.09 -3.91
C PHE A 42 -27.76 10.97 -2.55
N ARG A 43 -28.15 12.11 -2.02
CA ARG A 43 -28.85 12.21 -0.76
C ARG A 43 -30.19 11.46 -0.84
N ASP A 44 -30.90 11.63 -1.95
CA ASP A 44 -32.21 10.99 -2.17
C ASP A 44 -32.05 9.51 -1.99
N VAL A 45 -31.26 8.93 -2.86
CA VAL A 45 -31.10 7.50 -2.78
C VAL A 45 -30.71 6.98 -1.40
N TYR A 46 -29.76 7.61 -0.75
CA TYR A 46 -29.33 7.12 0.55
C TYR A 46 -30.28 7.36 1.70
N ASP A 47 -31.02 8.45 1.66
CA ASP A 47 -31.94 8.72 2.75
C ASP A 47 -32.87 7.55 2.79
N TYR A 48 -33.20 7.08 1.60
CA TYR A 48 -34.09 5.98 1.46
C TYR A 48 -33.39 4.69 1.81
N PHE A 49 -32.10 4.59 1.53
CA PHE A 49 -31.42 3.37 1.90
C PHE A 49 -31.39 3.23 3.41
N ARG A 50 -31.12 4.34 4.08
CA ARG A 50 -31.06 4.36 5.53
C ARG A 50 -32.35 3.72 6.07
N ALA A 51 -33.48 4.10 5.48
CA ALA A 51 -34.76 3.59 5.92
C ALA A 51 -34.93 2.10 5.65
N VAL A 52 -34.88 1.73 4.38
CA VAL A 52 -35.05 0.33 4.07
C VAL A 52 -34.14 -0.53 4.92
N LEU A 53 -32.92 -0.05 5.11
CA LEU A 53 -31.95 -0.79 5.89
C LEU A 53 -32.41 -0.83 7.31
N GLN A 54 -32.66 0.36 7.83
CA GLN A 54 -33.11 0.50 9.18
C GLN A 54 -34.29 -0.45 9.44
N ARG A 55 -35.25 -0.51 8.52
CA ARG A 55 -36.41 -1.40 8.71
C ARG A 55 -35.99 -2.83 8.50
N ASP A 56 -34.93 -2.98 7.74
CA ASP A 56 -34.46 -4.29 7.38
C ASP A 56 -35.53 -4.83 6.45
N GLU A 57 -36.13 -3.92 5.69
CA GLU A 57 -37.15 -4.31 4.74
C GLU A 57 -36.46 -5.15 3.68
N ARG A 58 -36.68 -6.45 3.72
CA ARG A 58 -36.02 -7.30 2.74
C ARG A 58 -36.92 -7.46 1.52
N SER A 59 -37.11 -6.38 0.75
CA SER A 59 -38.00 -6.41 -0.41
C SER A 59 -37.32 -6.23 -1.76
N GLU A 60 -38.05 -6.57 -2.83
CA GLU A 60 -37.53 -6.47 -4.20
C GLU A 60 -37.16 -5.02 -4.52
N ARG A 61 -38.01 -4.10 -4.07
CA ARG A 61 -37.78 -2.68 -4.29
C ARG A 61 -36.52 -2.24 -3.58
N ALA A 62 -36.26 -2.83 -2.42
CA ALA A 62 -35.06 -2.46 -1.69
C ALA A 62 -33.92 -2.95 -2.56
N PHE A 63 -34.01 -4.21 -2.96
CA PHE A 63 -32.97 -4.80 -3.78
C PHE A 63 -32.58 -3.84 -4.89
N LYS A 64 -33.53 -3.54 -5.75
CA LYS A 64 -33.29 -2.65 -6.87
C LYS A 64 -32.63 -1.35 -6.40
N LEU A 65 -32.93 -0.93 -5.17
CA LEU A 65 -32.39 0.32 -4.63
C LEU A 65 -30.90 0.29 -4.29
N THR A 66 -30.43 -0.85 -3.82
CA THR A 66 -29.03 -0.97 -3.48
C THR A 66 -28.27 -0.79 -4.76
N ARG A 67 -28.88 -1.19 -5.87
CA ARG A 67 -28.19 -1.07 -7.14
C ARG A 67 -27.83 0.40 -7.33
N ASP A 68 -28.83 1.26 -7.17
CA ASP A 68 -28.62 2.69 -7.33
C ASP A 68 -27.60 3.18 -6.31
N ALA A 69 -27.76 2.74 -5.07
CA ALA A 69 -26.85 3.12 -4.00
C ALA A 69 -25.41 2.68 -4.24
N ILE A 70 -25.26 1.57 -4.94
CA ILE A 70 -23.93 1.10 -5.23
C ILE A 70 -23.33 1.92 -6.36
N GLU A 71 -24.11 2.15 -7.41
CA GLU A 71 -23.61 2.94 -8.52
C GLU A 71 -23.15 4.31 -7.97
N LEU A 72 -23.88 4.88 -7.01
CA LEU A 72 -23.56 6.20 -6.43
C LEU A 72 -22.27 6.17 -5.64
N ASN A 73 -21.99 5.04 -5.01
CA ASN A 73 -20.75 4.90 -4.29
C ASN A 73 -20.48 3.45 -4.10
N ALA A 74 -19.91 2.86 -5.14
CA ALA A 74 -19.58 1.45 -5.18
C ALA A 74 -18.69 1.02 -4.02
N ALA A 75 -18.06 1.97 -3.35
CA ALA A 75 -17.20 1.56 -2.25
C ALA A 75 -17.97 1.32 -0.96
N ASN A 76 -19.27 1.61 -0.98
CA ASN A 76 -20.07 1.42 0.21
C ASN A 76 -20.33 -0.03 0.59
N TYR A 77 -19.40 -0.60 1.33
CA TYR A 77 -19.50 -1.99 1.76
C TYR A 77 -20.75 -2.31 2.55
N THR A 78 -21.34 -1.32 3.22
CA THR A 78 -22.51 -1.67 3.97
C THR A 78 -23.61 -2.04 3.00
N VAL A 79 -23.82 -1.19 2.02
CA VAL A 79 -24.83 -1.53 1.07
C VAL A 79 -24.46 -2.87 0.45
N TRP A 80 -23.20 -3.06 0.09
CA TRP A 80 -22.80 -4.34 -0.51
C TRP A 80 -23.20 -5.52 0.34
N HIS A 81 -23.26 -5.29 1.63
CA HIS A 81 -23.62 -6.36 2.53
C HIS A 81 -25.09 -6.69 2.47
N PHE A 82 -25.89 -5.68 2.76
CA PHE A 82 -27.31 -5.81 2.72
C PHE A 82 -27.73 -6.43 1.40
N ARG A 83 -27.03 -6.07 0.33
CA ARG A 83 -27.38 -6.62 -0.97
C ARG A 83 -27.21 -8.12 -0.95
N ARG A 84 -26.17 -8.58 -0.28
CA ARG A 84 -25.92 -10.01 -0.23
C ARG A 84 -26.97 -10.71 0.59
N VAL A 85 -27.55 -9.97 1.51
CA VAL A 85 -28.58 -10.53 2.35
C VAL A 85 -29.83 -10.74 1.53
N LEU A 86 -30.13 -9.72 0.75
CA LEU A 86 -31.29 -9.74 -0.11
C LEU A 86 -31.17 -10.84 -1.13
N LEU A 87 -29.94 -11.06 -1.59
CA LEU A 87 -29.69 -12.08 -2.59
C LEU A 87 -30.13 -13.43 -2.05
N ARG A 88 -29.74 -13.71 -0.80
CA ARG A 88 -30.12 -14.97 -0.16
C ARG A 88 -31.62 -14.99 0.15
N SER A 89 -32.10 -14.00 0.90
CA SER A 89 -33.50 -13.89 1.29
C SER A 89 -34.48 -13.99 0.11
N LEU A 90 -34.44 -12.99 -0.78
CA LEU A 90 -35.30 -12.96 -1.96
C LEU A 90 -34.98 -14.09 -2.90
N GLN A 91 -33.95 -14.85 -2.56
CA GLN A 91 -33.58 -15.97 -3.40
C GLN A 91 -33.48 -15.49 -4.84
N LYS A 92 -32.44 -14.73 -5.15
CA LYS A 92 -32.24 -14.19 -6.50
C LYS A 92 -31.35 -15.01 -7.36
N ASP A 93 -31.65 -15.01 -8.65
CA ASP A 93 -30.82 -15.76 -9.56
C ASP A 93 -29.40 -15.19 -9.56
N LEU A 94 -28.48 -15.95 -8.97
CA LEU A 94 -27.09 -15.51 -8.86
C LEU A 94 -26.29 -15.31 -10.14
N GLN A 95 -26.50 -16.18 -11.14
CA GLN A 95 -25.80 -16.06 -12.44
C GLN A 95 -26.21 -14.72 -13.00
N GLU A 96 -27.45 -14.37 -12.76
CA GLU A 96 -27.96 -13.09 -13.22
C GLU A 96 -27.09 -12.06 -12.55
N GLU A 97 -26.94 -12.20 -11.24
CA GLU A 97 -26.12 -11.31 -10.41
C GLU A 97 -24.66 -11.34 -10.87
N MET A 98 -24.20 -12.50 -11.31
CA MET A 98 -22.80 -12.59 -11.75
C MET A 98 -22.60 -11.57 -12.84
N ASN A 99 -23.55 -11.54 -13.77
CA ASN A 99 -23.49 -10.61 -14.88
C ASN A 99 -23.41 -9.20 -14.35
N TYR A 100 -24.25 -8.89 -13.37
CA TYR A 100 -24.25 -7.56 -12.78
C TYR A 100 -22.85 -7.23 -12.33
N ILE A 101 -22.37 -7.94 -11.30
CA ILE A 101 -21.03 -7.69 -10.81
C ILE A 101 -20.02 -7.67 -11.94
N THR A 102 -20.20 -8.52 -12.95
CA THR A 102 -19.25 -8.51 -14.05
C THR A 102 -19.16 -7.11 -14.67
N ALA A 103 -20.30 -6.49 -14.90
CA ALA A 103 -20.30 -5.16 -15.50
C ALA A 103 -19.77 -4.12 -14.55
N ILE A 104 -20.15 -4.24 -13.30
CA ILE A 104 -19.66 -3.25 -12.37
C ILE A 104 -18.14 -3.31 -12.33
N ILE A 105 -17.57 -4.50 -12.21
CA ILE A 105 -16.12 -4.59 -12.15
C ILE A 105 -15.46 -3.92 -13.35
N GLU A 106 -15.96 -4.21 -14.54
CA GLU A 106 -15.45 -3.60 -15.75
C GLU A 106 -15.36 -2.12 -15.52
N GLU A 107 -16.27 -1.60 -14.70
CA GLU A 107 -16.29 -0.18 -14.43
C GLU A 107 -15.39 0.28 -13.31
N GLN A 108 -15.21 -0.52 -12.28
CA GLN A 108 -14.33 -0.08 -11.20
C GLN A 108 -13.47 -1.27 -10.84
N PRO A 109 -12.56 -1.63 -11.74
CA PRO A 109 -11.66 -2.77 -11.53
C PRO A 109 -10.71 -2.56 -10.35
N LYS A 110 -10.82 -1.42 -9.67
CA LYS A 110 -9.93 -1.15 -8.55
C LYS A 110 -10.64 -0.92 -7.21
N ASN A 111 -11.88 -1.37 -7.13
CA ASN A 111 -12.69 -1.24 -5.94
C ASN A 111 -12.56 -2.52 -5.17
N TYR A 112 -12.55 -2.44 -3.85
CA TYR A 112 -12.41 -3.68 -3.11
C TYR A 112 -13.67 -4.53 -3.00
N GLN A 113 -14.81 -3.90 -2.73
CA GLN A 113 -16.04 -4.68 -2.56
C GLN A 113 -16.43 -5.45 -3.78
N VAL A 114 -16.36 -4.84 -4.95
CA VAL A 114 -16.80 -5.54 -6.12
C VAL A 114 -16.14 -6.88 -6.31
N TRP A 115 -14.83 -6.93 -6.14
CA TRP A 115 -14.14 -8.19 -6.34
C TRP A 115 -14.53 -9.22 -5.29
N HIS A 116 -14.60 -8.79 -4.04
CA HIS A 116 -15.00 -9.70 -2.99
C HIS A 116 -16.39 -10.22 -3.25
N HIS A 117 -17.27 -9.31 -3.66
CA HIS A 117 -18.62 -9.70 -3.94
C HIS A 117 -18.63 -10.84 -4.93
N ARG A 118 -17.86 -10.68 -6.00
CA ARG A 118 -17.78 -11.72 -7.02
C ARG A 118 -17.29 -13.03 -6.43
N ARG A 119 -16.26 -12.97 -5.62
CA ARG A 119 -15.74 -14.20 -5.04
C ARG A 119 -16.79 -14.92 -4.22
N VAL A 120 -17.64 -14.14 -3.56
CA VAL A 120 -18.68 -14.73 -2.74
C VAL A 120 -19.61 -15.51 -3.67
N LEU A 121 -20.06 -14.84 -4.73
CA LEU A 121 -20.94 -15.47 -5.70
C LEU A 121 -20.33 -16.77 -6.17
N VAL A 122 -19.14 -16.69 -6.77
CA VAL A 122 -18.50 -17.89 -7.24
C VAL A 122 -18.57 -18.98 -6.16
N GLU A 123 -18.20 -18.61 -4.94
CA GLU A 123 -18.23 -19.56 -3.84
C GLU A 123 -19.62 -20.17 -3.73
N TRP A 124 -20.61 -19.30 -3.62
CA TRP A 124 -21.98 -19.74 -3.50
C TRP A 124 -22.33 -20.73 -4.59
N LEU A 125 -21.97 -20.41 -5.83
CA LEU A 125 -22.30 -21.30 -6.93
C LEU A 125 -21.30 -22.41 -7.11
N LYS A 126 -20.15 -22.30 -6.47
CA LYS A 126 -19.17 -23.35 -6.68
C LYS A 126 -18.96 -23.47 -8.18
N ASP A 127 -18.94 -22.33 -8.88
CA ASP A 127 -18.75 -22.36 -10.31
C ASP A 127 -17.68 -21.40 -10.84
N PRO A 128 -16.48 -21.92 -11.08
CA PRO A 128 -15.36 -21.09 -11.54
C PRO A 128 -15.23 -21.03 -13.03
N SER A 129 -16.19 -21.66 -13.70
CA SER A 129 -16.17 -21.74 -15.15
C SER A 129 -16.04 -20.44 -15.91
N GLN A 130 -16.38 -19.30 -15.32
CA GLN A 130 -16.25 -18.05 -16.09
C GLN A 130 -15.05 -17.19 -15.74
N GLU A 131 -14.55 -17.37 -14.53
CA GLU A 131 -13.44 -16.61 -14.01
C GLU A 131 -12.24 -16.30 -14.91
N LEU A 132 -11.41 -17.30 -15.22
CA LEU A 132 -10.21 -17.06 -16.04
C LEU A 132 -10.43 -16.29 -17.31
N GLU A 133 -11.62 -16.39 -17.87
CA GLU A 133 -11.89 -15.66 -19.07
C GLU A 133 -12.17 -14.20 -18.74
N PHE A 134 -12.93 -14.00 -17.68
CA PHE A 134 -13.29 -12.66 -17.24
C PHE A 134 -12.04 -11.90 -16.84
N ILE A 135 -11.30 -12.46 -15.89
CA ILE A 135 -10.06 -11.87 -15.41
C ILE A 135 -9.22 -11.46 -16.62
N ALA A 136 -8.86 -12.42 -17.47
CA ALA A 136 -8.07 -12.14 -18.66
C ALA A 136 -8.54 -10.85 -19.34
N ASP A 137 -9.86 -10.69 -19.44
CA ASP A 137 -10.39 -9.49 -20.05
C ASP A 137 -9.93 -8.24 -19.32
N ILE A 138 -10.11 -8.24 -18.00
CA ILE A 138 -9.72 -7.10 -17.18
C ILE A 138 -8.21 -6.89 -17.30
N LEU A 139 -7.44 -7.96 -17.14
CA LEU A 139 -6.00 -7.82 -17.27
C LEU A 139 -5.74 -7.40 -18.70
N ASN A 140 -6.73 -7.54 -19.57
CA ASN A 140 -6.47 -7.10 -20.92
C ASN A 140 -6.51 -5.59 -21.04
N GLN A 141 -7.24 -4.95 -20.13
CA GLN A 141 -7.37 -3.50 -20.11
C GLN A 141 -6.37 -2.84 -19.16
N ASP A 142 -5.76 -3.64 -18.28
CA ASP A 142 -4.76 -3.20 -17.30
C ASP A 142 -3.99 -4.43 -16.80
N ALA A 143 -2.99 -4.84 -17.56
CA ALA A 143 -2.18 -6.01 -17.20
C ALA A 143 -1.61 -5.98 -15.79
N LYS A 144 -1.99 -5.03 -14.97
CA LYS A 144 -1.40 -5.05 -13.66
C LYS A 144 -2.37 -4.79 -12.52
N ASN A 145 -3.64 -4.98 -12.79
CA ASN A 145 -4.64 -4.79 -11.76
C ASN A 145 -4.42 -5.75 -10.61
N TYR A 146 -3.85 -5.27 -9.51
CA TYR A 146 -3.60 -6.11 -8.35
C TYR A 146 -4.76 -7.02 -7.98
N HIS A 147 -5.95 -6.46 -7.90
CA HIS A 147 -7.12 -7.24 -7.54
C HIS A 147 -7.40 -8.39 -8.48
N ALA A 148 -7.31 -8.10 -9.77
CA ALA A 148 -7.57 -9.14 -10.76
C ALA A 148 -6.64 -10.30 -10.51
N TRP A 149 -5.34 -10.01 -10.45
CA TRP A 149 -4.36 -11.06 -10.23
C TRP A 149 -4.69 -11.81 -8.95
N GLN A 150 -4.96 -11.08 -7.87
CA GLN A 150 -5.31 -11.71 -6.61
C GLN A 150 -6.49 -12.64 -6.84
N HIS A 151 -7.52 -12.10 -7.46
CA HIS A 151 -8.67 -12.92 -7.70
C HIS A 151 -8.36 -14.16 -8.49
N ARG A 152 -7.55 -14.01 -9.52
CA ARG A 152 -7.18 -15.11 -10.35
C ARG A 152 -6.47 -16.19 -9.52
N GLN A 153 -5.52 -15.78 -8.70
CA GLN A 153 -4.79 -16.75 -7.88
C GLN A 153 -5.75 -17.52 -6.98
N TRP A 154 -6.85 -16.91 -6.56
CA TRP A 154 -7.76 -17.61 -5.69
C TRP A 154 -8.49 -18.67 -6.48
N VAL A 155 -8.99 -18.28 -7.64
CA VAL A 155 -9.69 -19.22 -8.48
C VAL A 155 -8.78 -20.37 -8.87
N ILE A 156 -7.53 -20.09 -9.18
CA ILE A 156 -6.66 -21.18 -9.56
C ILE A 156 -6.36 -22.19 -8.47
N GLN A 157 -6.11 -21.70 -7.26
CA GLN A 157 -5.79 -22.52 -6.10
C GLN A 157 -7.01 -23.33 -5.67
N GLU A 158 -8.05 -22.59 -5.28
CA GLU A 158 -9.29 -23.17 -4.80
C GLU A 158 -9.86 -24.27 -5.69
N PHE A 159 -9.98 -24.00 -6.99
CA PHE A 159 -10.52 -24.95 -7.95
C PHE A 159 -9.48 -25.74 -8.70
N ARG A 160 -8.24 -25.66 -8.22
CA ARG A 160 -7.14 -26.38 -8.83
C ARG A 160 -7.17 -26.31 -10.36
N LEU A 161 -7.13 -25.10 -10.90
CA LEU A 161 -7.15 -24.86 -12.36
C LEU A 161 -5.79 -24.47 -12.90
N TRP A 162 -4.77 -25.22 -12.53
CA TRP A 162 -3.41 -24.89 -12.93
C TRP A 162 -2.99 -25.20 -14.36
N ASP A 163 -3.63 -26.16 -14.99
CA ASP A 163 -3.20 -26.59 -16.31
C ASP A 163 -2.75 -25.64 -17.40
N ASN A 164 -3.45 -24.53 -17.63
CA ASN A 164 -3.00 -23.69 -18.72
C ASN A 164 -2.45 -22.32 -18.33
N GLU A 165 -2.36 -22.06 -17.04
CA GLU A 165 -1.87 -20.77 -16.59
C GLU A 165 -0.45 -20.43 -17.01
N LEU A 166 0.47 -21.39 -17.01
CA LEU A 166 1.84 -21.06 -17.41
C LEU A 166 1.80 -20.59 -18.84
N GLN A 167 0.95 -21.23 -19.63
CA GLN A 167 0.85 -20.85 -21.02
C GLN A 167 0.42 -19.42 -21.08
N TYR A 168 -0.54 -19.07 -20.23
CA TYR A 168 -1.05 -17.72 -20.16
C TYR A 168 0.09 -16.77 -19.81
N VAL A 169 0.79 -17.12 -18.73
CA VAL A 169 1.90 -16.32 -18.27
C VAL A 169 2.84 -16.05 -19.42
N ASP A 170 3.25 -17.10 -20.13
CA ASP A 170 4.14 -16.92 -21.27
C ASP A 170 3.56 -15.94 -22.29
N GLN A 171 2.25 -15.97 -22.44
CA GLN A 171 1.59 -15.07 -23.37
C GLN A 171 1.80 -13.61 -22.93
N LEU A 172 1.44 -13.31 -21.69
CA LEU A 172 1.58 -11.96 -21.19
C LEU A 172 3.01 -11.49 -21.16
N LEU A 173 3.93 -12.36 -20.78
CA LEU A 173 5.33 -11.98 -20.76
C LEU A 173 5.77 -11.58 -22.16
N LYS A 174 5.17 -12.20 -23.18
CA LYS A 174 5.53 -11.85 -24.54
C LYS A 174 5.02 -10.45 -24.82
N GLU A 175 3.96 -10.06 -24.17
CA GLU A 175 3.39 -8.75 -24.40
C GLU A 175 4.11 -7.61 -23.68
N ASP A 176 4.75 -7.95 -22.57
CA ASP A 176 5.46 -6.93 -21.82
C ASP A 176 6.31 -7.64 -20.82
N VAL A 177 7.46 -8.07 -21.29
CA VAL A 177 8.38 -8.78 -20.45
C VAL A 177 8.69 -8.03 -19.14
N ARG A 178 8.29 -6.76 -19.04
CA ARG A 178 8.55 -5.98 -17.82
C ARG A 178 7.39 -6.04 -16.85
N ASN A 179 6.45 -6.93 -17.13
CA ASN A 179 5.31 -6.98 -16.26
C ASN A 179 5.49 -7.82 -15.03
N ASN A 180 5.98 -7.16 -13.99
CA ASN A 180 6.23 -7.82 -12.73
C ASN A 180 5.12 -8.75 -12.25
N SER A 181 3.87 -8.40 -12.49
CA SER A 181 2.82 -9.28 -12.01
C SER A 181 2.93 -10.66 -12.65
N VAL A 182 3.23 -10.68 -13.93
CA VAL A 182 3.35 -11.94 -14.63
C VAL A 182 4.52 -12.75 -14.11
N TRP A 183 5.64 -12.09 -13.89
CA TRP A 183 6.81 -12.77 -13.39
C TRP A 183 6.41 -13.41 -12.08
N ASN A 184 5.69 -12.66 -11.27
CA ASN A 184 5.24 -13.20 -10.01
C ASN A 184 4.36 -14.38 -10.28
N GLN A 185 3.34 -14.15 -11.10
CA GLN A 185 2.43 -15.21 -11.41
C GLN A 185 3.21 -16.42 -11.85
N ARG A 186 4.24 -16.20 -12.65
CA ARG A 186 5.02 -17.32 -13.13
C ARG A 186 5.56 -18.11 -11.95
N HIS A 187 5.98 -17.40 -10.91
CA HIS A 187 6.54 -18.06 -9.75
C HIS A 187 5.45 -18.76 -8.98
N PHE A 188 4.32 -18.11 -8.96
CA PHE A 188 3.20 -18.65 -8.26
C PHE A 188 2.93 -20.01 -8.87
N VAL A 189 2.67 -20.01 -10.17
CA VAL A 189 2.40 -21.25 -10.88
C VAL A 189 3.39 -22.40 -10.71
N ILE A 190 4.62 -22.22 -11.18
CA ILE A 190 5.63 -23.28 -11.09
C ILE A 190 5.84 -23.83 -9.69
N SER A 191 5.92 -22.91 -8.72
CA SER A 191 6.16 -23.29 -7.33
C SER A 191 5.03 -24.06 -6.70
N ASN A 192 3.87 -24.00 -7.34
CA ASN A 192 2.71 -24.71 -6.81
C ASN A 192 2.37 -25.95 -7.63
N THR A 193 3.08 -26.16 -8.74
CA THR A 193 2.83 -27.31 -9.59
C THR A 193 3.99 -28.29 -9.59
N THR A 194 5.13 -27.84 -10.11
CA THR A 194 6.29 -28.71 -10.16
C THR A 194 7.34 -28.34 -9.13
N GLY A 195 7.49 -27.05 -8.86
CA GLY A 195 8.48 -26.61 -7.91
C GLY A 195 9.78 -26.36 -8.66
N TYR A 196 10.74 -25.72 -8.03
CA TYR A 196 12.02 -25.43 -8.68
C TYR A 196 13.12 -26.44 -8.37
N SER A 197 12.76 -27.51 -7.66
CA SER A 197 13.75 -28.51 -7.31
C SER A 197 14.09 -29.32 -8.54
N ASP A 198 13.16 -29.36 -9.49
CA ASP A 198 13.41 -30.13 -10.68
C ASP A 198 14.48 -29.55 -11.60
N ARG A 199 15.66 -30.16 -11.50
CA ARG A 199 16.83 -29.81 -12.26
C ARG A 199 16.40 -29.28 -13.60
N ALA A 200 15.76 -30.13 -14.40
CA ALA A 200 15.32 -29.72 -15.72
C ALA A 200 14.52 -28.45 -15.68
N VAL A 201 13.57 -28.36 -14.78
CA VAL A 201 12.75 -27.17 -14.73
C VAL A 201 13.61 -25.97 -14.41
N LEU A 202 14.35 -26.11 -13.30
CA LEU A 202 15.27 -25.10 -12.81
C LEU A 202 16.06 -24.57 -13.99
N GLU A 203 16.79 -25.45 -14.63
CA GLU A 203 17.60 -25.09 -15.77
C GLU A 203 16.76 -24.37 -16.81
N ARG A 204 15.61 -24.95 -17.13
CA ARG A 204 14.74 -24.35 -18.12
C ARG A 204 14.47 -22.91 -17.75
N GLU A 205 14.03 -22.74 -16.51
CA GLU A 205 13.71 -21.43 -15.98
C GLU A 205 14.83 -20.46 -16.08
N VAL A 206 16.00 -20.79 -15.53
CA VAL A 206 17.04 -19.81 -15.66
C VAL A 206 17.37 -19.56 -17.07
N GLN A 207 17.55 -20.64 -17.84
CA GLN A 207 17.92 -20.43 -19.21
C GLN A 207 17.05 -19.32 -19.74
N TYR A 208 15.75 -19.54 -19.65
CA TYR A 208 14.78 -18.59 -20.12
C TYR A 208 14.99 -17.20 -19.59
N THR A 209 15.28 -17.13 -18.29
CA THR A 209 15.45 -15.87 -17.62
C THR A 209 16.71 -15.17 -18.06
N LEU A 210 17.75 -15.97 -18.26
CA LEU A 210 19.01 -15.45 -18.68
C LEU A 210 18.80 -14.86 -20.04
N GLU A 211 17.87 -15.44 -20.79
CA GLU A 211 17.54 -14.95 -22.13
C GLU A 211 16.94 -13.56 -22.01
N MET A 212 15.80 -13.47 -21.34
CA MET A 212 15.12 -12.21 -21.16
C MET A 212 16.13 -11.18 -20.67
N ILE A 213 17.03 -11.60 -19.80
CA ILE A 213 18.02 -10.65 -19.32
C ILE A 213 18.85 -10.23 -20.51
N LYS A 214 19.44 -11.21 -21.16
CA LYS A 214 20.29 -10.96 -22.31
C LYS A 214 19.40 -10.54 -23.47
N LEU A 215 18.43 -9.71 -23.16
CA LEU A 215 17.52 -9.28 -24.20
C LEU A 215 17.04 -7.90 -23.85
N VAL A 216 16.87 -7.69 -22.56
CA VAL A 216 16.44 -6.42 -22.04
C VAL A 216 17.14 -6.32 -20.71
N PRO A 217 18.46 -6.20 -20.78
CA PRO A 217 19.41 -6.09 -19.67
C PRO A 217 19.05 -5.10 -18.58
N HIS A 218 18.21 -4.12 -18.88
CA HIS A 218 17.83 -3.16 -17.85
C HIS A 218 16.44 -3.39 -17.30
N ASN A 219 15.89 -4.56 -17.60
CA ASN A 219 14.59 -4.90 -17.06
C ASN A 219 14.91 -5.59 -15.73
N GLU A 220 14.49 -4.97 -14.64
CA GLU A 220 14.75 -5.47 -13.29
C GLU A 220 14.02 -6.75 -12.88
N SER A 221 12.78 -6.92 -13.36
CA SER A 221 12.00 -8.11 -13.01
C SER A 221 12.79 -9.38 -13.24
N ALA A 222 13.18 -9.60 -14.49
CA ALA A 222 13.94 -10.78 -14.87
C ALA A 222 15.02 -11.01 -13.84
N TRP A 223 15.71 -9.94 -13.51
CA TRP A 223 16.78 -10.08 -12.56
C TRP A 223 16.29 -10.55 -11.22
N ASN A 224 15.25 -9.92 -10.72
CA ASN A 224 14.77 -10.34 -9.43
C ASN A 224 14.28 -11.75 -9.47
N TYR A 225 13.73 -12.16 -10.60
CA TYR A 225 13.26 -13.51 -10.73
C TYR A 225 14.47 -14.44 -10.67
N LEU A 226 15.37 -14.31 -11.64
CA LEU A 226 16.54 -15.16 -11.64
C LEU A 226 17.11 -15.26 -10.23
N LYS A 227 17.27 -14.11 -9.57
CA LYS A 227 17.79 -14.12 -8.22
C LYS A 227 16.87 -14.94 -7.31
N GLY A 228 15.57 -14.72 -7.49
CA GLY A 228 14.57 -15.41 -6.67
C GLY A 228 14.64 -16.92 -6.68
N ILE A 229 14.60 -17.51 -7.86
CA ILE A 229 14.63 -18.95 -7.99
C ILE A 229 15.95 -19.60 -7.60
N LEU A 230 17.01 -18.78 -7.63
CA LEU A 230 18.39 -19.17 -7.35
C LEU A 230 18.81 -19.10 -5.91
N GLN A 231 18.57 -17.91 -5.39
CA GLN A 231 18.93 -17.57 -4.05
C GLN A 231 18.38 -18.46 -2.97
N ASP A 232 17.49 -19.37 -3.33
CA ASP A 232 16.95 -20.23 -2.32
C ASP A 232 17.62 -21.55 -2.41
N ARG A 233 18.90 -21.57 -2.14
CA ARG A 233 19.60 -22.81 -2.32
C ARG A 233 21.06 -22.41 -2.48
N GLY A 234 21.30 -21.09 -2.56
CA GLY A 234 22.65 -20.59 -2.66
C GLY A 234 23.23 -20.35 -4.05
N LEU A 235 23.43 -19.08 -4.36
CA LEU A 235 24.01 -18.70 -5.63
C LEU A 235 25.36 -19.38 -5.80
N SER A 236 26.14 -19.37 -4.72
CA SER A 236 27.45 -20.00 -4.72
C SER A 236 27.41 -21.50 -5.01
N ARG A 237 26.25 -22.12 -5.05
CA ARG A 237 26.28 -23.55 -5.30
C ARG A 237 26.39 -23.66 -6.82
N TYR A 238 26.18 -22.48 -7.40
CA TYR A 238 26.17 -22.21 -8.82
C TYR A 238 27.42 -21.55 -9.45
N PRO A 239 28.45 -22.37 -9.71
CA PRO A 239 29.75 -22.05 -10.29
C PRO A 239 29.70 -21.23 -11.55
N ASN A 240 29.14 -21.80 -12.62
CA ASN A 240 29.16 -21.06 -13.86
C ASN A 240 28.41 -19.72 -13.79
N LEU A 241 27.53 -19.64 -12.80
CA LEU A 241 26.75 -18.44 -12.62
C LEU A 241 27.63 -17.23 -12.80
N LEU A 242 28.49 -17.05 -11.82
CA LEU A 242 29.43 -15.94 -11.78
C LEU A 242 30.00 -15.66 -13.18
N ASN A 243 30.48 -16.71 -13.82
CA ASN A 243 31.09 -16.61 -15.15
C ASN A 243 30.16 -16.02 -16.20
N GLN A 244 29.11 -16.75 -16.59
CA GLN A 244 28.16 -16.28 -17.60
C GLN A 244 27.79 -14.86 -17.25
N LEU A 245 27.51 -14.62 -15.97
CA LEU A 245 27.15 -13.29 -15.56
C LEU A 245 28.32 -12.41 -15.97
N LEU A 246 29.53 -12.80 -15.53
CA LEU A 246 30.73 -12.04 -15.85
C LEU A 246 30.88 -11.75 -17.34
N ASP A 247 30.32 -12.60 -18.17
CA ASP A 247 30.44 -12.37 -19.60
C ASP A 247 29.61 -11.20 -20.07
N LEU A 248 28.49 -10.97 -19.38
CA LEU A 248 27.61 -9.88 -19.78
C LEU A 248 28.11 -8.49 -19.33
N GLN A 249 29.24 -8.46 -18.62
CA GLN A 249 29.77 -7.18 -18.15
C GLN A 249 29.79 -6.05 -19.18
N PRO A 250 30.35 -6.31 -20.37
CA PRO A 250 30.42 -5.26 -21.38
C PRO A 250 29.30 -5.37 -22.40
N SER A 251 28.69 -6.55 -22.47
CA SER A 251 27.65 -6.78 -23.44
C SER A 251 26.21 -6.54 -23.01
N HIS A 252 25.94 -6.65 -21.72
CA HIS A 252 24.58 -6.48 -21.20
C HIS A 252 24.67 -5.95 -19.79
N SER A 253 25.55 -4.98 -19.56
CA SER A 253 25.72 -4.46 -18.22
C SER A 253 24.72 -3.44 -17.71
N SER A 254 24.53 -3.49 -16.41
CA SER A 254 23.63 -2.60 -15.69
C SER A 254 23.95 -2.75 -14.20
N PRO A 255 23.42 -1.85 -13.38
CA PRO A 255 23.76 -2.03 -11.97
C PRO A 255 23.25 -3.37 -11.46
N TYR A 256 22.36 -3.98 -12.24
CA TYR A 256 21.82 -5.24 -11.82
C TYR A 256 22.85 -6.34 -11.92
N LEU A 257 23.64 -6.33 -12.98
CA LEU A 257 24.69 -7.32 -13.15
C LEU A 257 25.58 -7.19 -11.94
N ILE A 258 25.96 -5.97 -11.65
CA ILE A 258 26.83 -5.72 -10.52
C ILE A 258 26.24 -6.15 -9.19
N ALA A 259 25.00 -5.78 -8.97
CA ALA A 259 24.38 -6.16 -7.71
C ALA A 259 24.37 -7.67 -7.59
N PHE A 260 23.97 -8.33 -8.67
CA PHE A 260 23.91 -9.78 -8.65
C PHE A 260 25.26 -10.33 -8.25
N LEU A 261 26.32 -9.84 -8.91
CA LEU A 261 27.66 -10.31 -8.59
C LEU A 261 27.97 -10.12 -7.13
N VAL A 262 27.61 -8.95 -6.62
CA VAL A 262 27.85 -8.65 -5.23
C VAL A 262 27.10 -9.69 -4.44
N ASP A 263 25.93 -10.07 -4.94
CA ASP A 263 25.16 -11.07 -4.23
C ASP A 263 25.86 -12.41 -4.25
N ILE A 264 26.31 -12.84 -5.43
CA ILE A 264 27.01 -14.11 -5.53
C ILE A 264 28.13 -14.06 -4.51
N TYR A 265 29.02 -13.09 -4.69
CA TYR A 265 30.17 -12.91 -3.81
C TYR A 265 29.73 -13.12 -2.36
N GLU A 266 28.63 -12.51 -1.96
CA GLU A 266 28.19 -12.70 -0.58
C GLU A 266 28.07 -14.14 -0.15
N ASP A 267 27.43 -14.94 -0.98
CA ASP A 267 27.21 -16.33 -0.67
C ASP A 267 28.50 -17.12 -0.70
N MET A 268 29.36 -16.74 -1.63
CA MET A 268 30.67 -17.36 -1.83
C MET A 268 31.53 -17.13 -0.61
N LEU A 269 31.08 -16.17 0.18
CA LEU A 269 31.77 -15.82 1.39
C LEU A 269 31.09 -16.56 2.51
N GLU A 270 29.76 -16.54 2.52
CA GLU A 270 29.08 -17.26 3.58
C GLU A 270 29.58 -18.70 3.61
N ASN A 271 29.76 -19.28 2.43
CA ASN A 271 30.21 -20.67 2.38
C ASN A 271 31.71 -20.84 2.43
N GLN A 272 32.43 -19.73 2.53
CA GLN A 272 33.87 -19.79 2.60
C GLN A 272 34.45 -20.32 1.30
N CYS A 273 35.36 -19.56 0.70
CA CYS A 273 36.01 -20.01 -0.52
C CYS A 273 37.42 -19.46 -0.70
N ASP A 274 38.30 -20.28 -1.30
CA ASP A 274 39.69 -19.86 -1.54
C ASP A 274 39.68 -18.52 -2.28
N ASN A 275 40.70 -17.70 -2.06
CA ASN A 275 40.79 -16.38 -2.71
C ASN A 275 39.74 -15.47 -2.09
N LYS A 276 39.09 -15.97 -1.05
CA LYS A 276 38.05 -15.19 -0.40
C LYS A 276 38.49 -13.74 -0.25
N GLU A 277 39.71 -13.56 0.29
CA GLU A 277 40.26 -12.23 0.47
C GLU A 277 39.99 -11.38 -0.75
N ASP A 278 40.51 -11.83 -1.88
CA ASP A 278 40.34 -11.12 -3.14
C ASP A 278 38.88 -10.92 -3.42
N ILE A 279 38.13 -12.01 -3.27
CA ILE A 279 36.71 -11.98 -3.50
C ILE A 279 36.13 -10.82 -2.73
N LEU A 280 36.46 -10.77 -1.45
CA LEU A 280 35.96 -9.69 -0.62
C LEU A 280 36.34 -8.34 -1.23
N ASN A 281 37.57 -8.23 -1.71
CA ASN A 281 37.99 -6.97 -2.32
C ASN A 281 37.16 -6.67 -3.54
N LYS A 282 37.11 -7.63 -4.46
CA LYS A 282 36.34 -7.43 -5.68
C LYS A 282 34.97 -6.94 -5.31
N ALA A 283 34.37 -7.62 -4.35
CA ALA A 283 33.03 -7.29 -3.88
C ALA A 283 32.96 -5.87 -3.35
N LEU A 284 33.86 -5.52 -2.44
CA LEU A 284 33.82 -4.19 -1.87
C LEU A 284 33.96 -3.10 -2.91
N GLU A 285 34.74 -3.37 -3.95
CA GLU A 285 34.95 -2.40 -5.00
C GLU A 285 33.66 -2.18 -5.79
N LEU A 286 32.92 -3.26 -5.99
CA LEU A 286 31.66 -3.18 -6.70
C LEU A 286 30.70 -2.34 -5.84
N CYS A 287 30.72 -2.62 -4.54
CA CYS A 287 29.89 -1.90 -3.58
C CYS A 287 30.07 -0.42 -3.73
N GLU A 288 31.33 -0.02 -3.83
CA GLU A 288 31.66 1.37 -3.95
C GLU A 288 31.24 1.93 -5.28
N ILE A 289 31.47 1.18 -6.34
CA ILE A 289 31.09 1.66 -7.65
C ILE A 289 29.61 1.94 -7.69
N LEU A 290 28.83 0.98 -7.22
CA LEU A 290 27.39 1.11 -7.17
C LEU A 290 27.03 2.30 -6.30
N ALA A 291 27.71 2.39 -5.18
CA ALA A 291 27.49 3.44 -4.22
C ALA A 291 27.95 4.79 -4.75
N LYS A 292 29.14 4.82 -5.33
CA LYS A 292 29.63 6.08 -5.80
C LYS A 292 29.21 6.46 -7.20
N GLU A 293 29.29 5.51 -8.13
CA GLU A 293 28.95 5.86 -9.49
C GLU A 293 27.75 5.15 -10.10
N LYS A 294 27.78 3.83 -10.11
CA LYS A 294 26.71 3.08 -10.74
C LYS A 294 25.28 3.20 -10.26
N ASP A 295 25.02 3.26 -8.96
CA ASP A 295 23.64 3.31 -8.46
C ASP A 295 23.57 4.10 -7.16
N THR A 296 23.85 5.38 -7.25
CA THR A 296 23.91 6.20 -6.06
C THR A 296 22.61 6.49 -5.33
N ILE A 297 21.47 6.31 -5.99
CA ILE A 297 20.22 6.58 -5.31
C ILE A 297 20.15 5.80 -3.99
N ARG A 298 20.76 4.63 -3.97
CA ARG A 298 20.77 3.84 -2.73
C ARG A 298 22.21 3.69 -2.28
N LYS A 299 22.85 4.83 -2.06
CA LYS A 299 24.24 4.81 -1.63
C LYS A 299 24.26 4.42 -0.16
N GLU A 300 23.21 4.74 0.56
CA GLU A 300 23.17 4.39 1.98
C GLU A 300 23.29 2.87 2.11
N TYR A 301 22.46 2.19 1.33
CA TYR A 301 22.39 0.75 1.31
C TYR A 301 23.68 0.13 0.82
N TRP A 302 24.14 0.59 -0.35
CA TRP A 302 25.35 0.01 -0.91
C TRP A 302 26.56 0.14 0.00
N ARG A 303 26.64 1.19 0.81
CA ARG A 303 27.78 1.31 1.69
C ARG A 303 27.56 0.46 2.92
N TYR A 304 26.30 0.28 3.27
CA TYR A 304 25.97 -0.54 4.40
C TYR A 304 26.38 -1.95 4.05
N ILE A 305 26.11 -2.36 2.81
CA ILE A 305 26.50 -3.71 2.41
C ILE A 305 28.01 -3.84 2.43
N GLY A 306 28.70 -2.73 2.19
CA GLY A 306 30.15 -2.73 2.24
C GLY A 306 30.58 -2.94 3.68
N ARG A 307 29.92 -2.26 4.60
CA ARG A 307 30.29 -2.40 6.00
C ARG A 307 29.96 -3.77 6.55
N SER A 308 28.78 -4.28 6.22
CA SER A 308 28.40 -5.60 6.71
C SER A 308 29.41 -6.57 6.15
N LEU A 309 29.67 -6.44 4.86
CA LEU A 309 30.63 -7.31 4.20
C LEU A 309 31.96 -7.34 4.94
N GLN A 310 32.11 -6.39 5.87
CA GLN A 310 33.34 -6.31 6.65
C GLN A 310 33.27 -7.28 7.83
N SER A 311 32.21 -7.16 8.62
CA SER A 311 32.08 -8.00 9.78
C SER A 311 31.92 -9.49 9.43
N LYS A 312 30.85 -9.82 8.71
CA LYS A 312 30.67 -11.15 8.26
C LYS A 312 31.41 -11.34 6.93
N LEU B 1 21.28 21.06 -5.94
CA LEU B 1 20.29 19.95 -5.77
C LEU B 1 20.66 18.69 -6.52
N TYR B 2 20.55 17.57 -5.81
CA TYR B 2 20.86 16.27 -6.37
C TYR B 2 20.16 16.03 -7.69
N SER B 3 18.90 16.41 -7.79
CA SER B 3 18.18 16.16 -9.02
C SER B 3 18.49 17.09 -10.18
N LEU B 4 18.71 18.36 -9.86
CA LEU B 4 19.00 19.36 -10.89
C LEU B 4 20.39 19.22 -11.48
N ARG B 5 21.20 18.34 -10.89
CA ARG B 5 22.56 18.14 -11.37
C ARG B 5 22.55 17.51 -12.75
N PRO B 6 23.62 17.75 -13.53
CA PRO B 6 23.80 17.25 -14.90
C PRO B 6 24.10 15.77 -15.05
N GLU B 7 24.76 15.16 -14.09
CA GLU B 7 25.04 13.73 -14.21
C GLU B 7 23.78 12.95 -13.87
N HIS B 8 22.88 13.56 -13.10
CA HIS B 8 21.65 12.89 -12.70
C HIS B 8 20.84 12.55 -13.96
N ALA B 9 21.12 13.26 -15.04
CA ALA B 9 20.43 13.02 -16.30
C ALA B 9 20.80 11.65 -16.90
N ARG B 10 21.73 10.95 -16.28
CA ARG B 10 22.13 9.64 -16.81
C ARG B 10 21.26 8.55 -16.19
N GLU B 11 20.61 8.91 -15.10
CA GLU B 11 19.71 8.02 -14.40
C GLU B 11 18.44 7.89 -15.22
N ARG B 12 18.44 8.44 -16.44
CA ARG B 12 17.27 8.38 -17.31
C ARG B 12 17.02 6.92 -17.73
N LEU B 13 15.78 6.61 -18.14
CA LEU B 13 15.44 5.23 -18.49
C LEU B 13 16.17 4.55 -19.64
N GLN B 14 16.60 3.32 -19.41
CA GLN B 14 17.29 2.57 -20.44
C GLN B 14 16.26 1.67 -21.11
N ASP B 15 15.70 2.15 -22.20
CA ASP B 15 14.70 1.36 -22.86
C ASP B 15 15.20 0.03 -23.45
N ASP B 16 16.50 -0.12 -23.64
CA ASP B 16 17.01 -1.36 -24.22
C ASP B 16 16.48 -1.47 -25.65
N SER B 17 15.75 -0.46 -26.11
CA SER B 17 15.19 -0.44 -27.47
C SER B 17 13.95 -1.33 -27.57
N VAL B 18 13.75 -2.14 -26.53
CA VAL B 18 12.61 -3.05 -26.49
C VAL B 18 11.52 -2.33 -25.73
N GLU B 19 10.71 -1.54 -26.41
CA GLU B 19 9.66 -0.82 -25.69
C GLU B 19 8.36 -1.58 -25.44
N THR B 20 7.93 -1.55 -24.19
CA THR B 20 6.70 -2.20 -23.81
C THR B 20 5.83 -1.15 -23.14
N VAL B 21 4.57 -1.50 -22.90
CA VAL B 21 3.64 -0.60 -22.26
C VAL B 21 4.28 0.02 -21.04
N THR B 22 5.11 -0.76 -20.36
CA THR B 22 5.79 -0.26 -19.16
C THR B 22 6.81 0.81 -19.49
N SER B 23 7.71 0.52 -20.43
CA SER B 23 8.72 1.51 -20.78
C SER B 23 7.99 2.80 -21.09
N ILE B 24 7.12 2.72 -22.09
CA ILE B 24 6.36 3.89 -22.50
C ILE B 24 5.91 4.79 -21.37
N GLU B 25 5.10 4.25 -20.47
CA GLU B 25 4.56 5.02 -19.36
C GLU B 25 5.67 5.62 -18.50
N GLN B 26 6.63 4.79 -18.11
CA GLN B 26 7.75 5.28 -17.30
C GLN B 26 8.36 6.48 -17.98
N ALA B 27 8.82 6.27 -19.20
CA ALA B 27 9.41 7.33 -19.98
C ALA B 27 8.52 8.57 -19.89
N LYS B 28 7.22 8.39 -20.01
CA LYS B 28 6.29 9.51 -19.97
C LYS B 28 6.44 10.36 -18.71
N VAL B 29 6.40 9.69 -17.57
CA VAL B 29 6.53 10.37 -16.29
C VAL B 29 7.85 11.08 -16.24
N GLU B 30 8.89 10.36 -16.62
CA GLU B 30 10.24 10.91 -16.59
C GLU B 30 10.30 12.26 -17.28
N GLU B 31 9.70 12.38 -18.47
CA GLU B 31 9.72 13.67 -19.14
C GLU B 31 8.98 14.70 -18.32
N LYS B 32 7.76 14.36 -17.90
CA LYS B 32 6.99 15.30 -17.12
C LYS B 32 7.81 15.72 -15.92
N ILE B 33 8.60 14.80 -15.38
CA ILE B 33 9.38 15.17 -14.22
C ILE B 33 10.55 16.05 -14.58
N GLN B 34 11.22 15.69 -15.67
CA GLN B 34 12.37 16.45 -16.15
C GLN B 34 11.98 17.92 -16.23
N GLU B 35 10.85 18.18 -16.88
CA GLU B 35 10.33 19.52 -17.05
C GLU B 35 10.35 20.23 -15.71
N VAL B 36 9.68 19.65 -14.72
CA VAL B 36 9.63 20.27 -13.40
C VAL B 36 11.03 20.56 -12.92
N PHE B 37 11.93 19.61 -13.13
CA PHE B 37 13.30 19.79 -12.71
C PHE B 37 13.88 21.02 -13.41
N SER B 38 13.88 21.00 -14.73
CA SER B 38 14.40 22.11 -15.51
C SER B 38 13.58 23.38 -15.37
N SER B 39 12.51 23.32 -14.60
CA SER B 39 11.67 24.49 -14.41
C SER B 39 12.56 25.72 -14.21
N TYR B 40 13.51 25.62 -13.30
CA TYR B 40 14.40 26.74 -12.99
C TYR B 40 15.26 27.26 -14.14
N LYS B 41 16.07 26.39 -14.75
CA LYS B 41 16.92 26.83 -15.86
C LYS B 41 16.16 27.67 -16.89
N PHE B 42 15.04 27.16 -17.41
CA PHE B 42 14.30 27.92 -18.42
C PHE B 42 13.86 29.32 -17.96
N ASN B 43 13.48 29.44 -16.70
CA ASN B 43 12.99 30.72 -16.21
C ASN B 43 14.00 31.64 -15.57
N HIS B 44 15.21 31.14 -15.38
CA HIS B 44 16.25 31.99 -14.86
C HIS B 44 16.01 32.53 -13.48
N LEU B 45 15.71 31.63 -12.56
CA LEU B 45 15.53 32.00 -11.17
C LEU B 45 16.34 31.00 -10.37
N VAL B 46 16.71 31.39 -9.16
CA VAL B 46 17.46 30.47 -8.35
C VAL B 46 16.40 29.56 -7.77
N PRO B 47 16.65 28.25 -7.82
CA PRO B 47 15.72 27.25 -7.30
C PRO B 47 15.61 27.41 -5.78
N ARG B 48 14.38 27.50 -5.30
CA ARG B 48 14.13 27.63 -3.89
C ARG B 48 12.98 26.71 -3.47
N LEU B 49 13.36 25.56 -2.92
CA LEU B 49 12.43 24.55 -2.44
C LEU B 49 11.71 24.99 -1.21
N VAL B 50 10.43 25.27 -1.35
CA VAL B 50 9.62 25.73 -0.24
C VAL B 50 8.34 24.97 -0.07
N LEU B 51 7.99 24.68 1.17
CA LEU B 51 6.77 23.96 1.44
C LEU B 51 5.62 24.93 1.63
N GLN B 52 4.70 25.01 0.68
CA GLN B 52 3.58 25.94 0.80
C GLN B 52 2.67 25.66 1.99
N ARG B 53 3.30 25.68 3.16
CA ARG B 53 2.66 25.44 4.45
C ARG B 53 1.35 26.17 4.68
N GLU B 54 1.32 27.46 4.40
CA GLU B 54 0.09 28.21 4.63
C GLU B 54 -0.98 27.69 3.68
N LYS B 55 -0.65 27.68 2.38
CA LYS B 55 -1.60 27.21 1.40
C LYS B 55 -2.08 25.82 1.76
N HIS B 56 -1.20 25.00 2.31
CA HIS B 56 -1.65 23.68 2.67
C HIS B 56 -2.57 23.76 3.85
N PHE B 57 -2.19 24.60 4.79
CA PHE B 57 -2.96 24.76 6.00
C PHE B 57 -4.38 25.22 5.76
N HIS B 58 -4.55 26.11 4.80
CA HIS B 58 -5.87 26.61 4.53
C HIS B 58 -6.69 25.52 3.87
N TYR B 59 -6.01 24.71 3.06
CA TYR B 59 -6.68 23.60 2.39
C TYR B 59 -7.22 22.65 3.46
N LEU B 60 -6.30 22.17 4.31
CA LEU B 60 -6.65 21.22 5.36
C LEU B 60 -7.68 21.83 6.27
N LYS B 61 -7.38 23.01 6.76
CA LYS B 61 -8.31 23.64 7.66
C LYS B 61 -9.73 23.54 7.13
N ARG B 62 -9.92 23.91 5.87
CA ARG B 62 -11.22 23.86 5.22
C ARG B 62 -11.83 22.41 5.25
N GLY B 63 -11.15 21.45 4.61
CA GLY B 63 -11.65 20.07 4.56
C GLY B 63 -12.06 19.44 5.89
N LEU B 64 -11.40 19.84 6.95
CA LEU B 64 -11.74 19.29 8.25
C LEU B 64 -13.17 19.62 8.61
N ARG B 65 -13.71 20.62 7.93
CA ARG B 65 -15.06 21.07 8.23
C ARG B 65 -16.11 20.61 7.22
N GLN B 66 -15.78 20.61 5.94
CA GLN B 66 -16.77 20.18 4.95
C GLN B 66 -16.11 19.95 3.61
N LEU B 67 -16.70 19.08 2.79
CA LEU B 67 -16.16 18.77 1.46
C LEU B 67 -17.22 18.77 0.37
N THR B 68 -16.78 18.98 -0.86
CA THR B 68 -17.70 19.01 -1.98
C THR B 68 -18.20 17.61 -2.30
N ASP B 69 -19.25 17.52 -3.10
CA ASP B 69 -19.80 16.22 -3.48
C ASP B 69 -18.78 15.39 -4.25
N ALA B 70 -17.60 15.95 -4.46
CA ALA B 70 -16.57 15.23 -5.19
C ALA B 70 -16.05 14.15 -4.25
N TYR B 71 -16.38 14.35 -2.99
CA TYR B 71 -15.97 13.47 -1.91
C TYR B 71 -16.98 12.43 -1.54
N GLU B 72 -18.04 12.38 -2.32
CA GLU B 72 -19.09 11.40 -2.07
C GLU B 72 -18.45 10.01 -2.10
N CYS B 73 -17.49 9.82 -3.00
CA CYS B 73 -16.80 8.55 -3.13
C CYS B 73 -16.10 8.10 -1.85
N LEU B 74 -16.28 8.82 -0.78
CA LEU B 74 -15.51 8.49 0.37
C LEU B 74 -16.44 8.50 1.55
N ASP B 75 -17.70 8.63 1.18
CA ASP B 75 -18.69 8.69 2.20
C ASP B 75 -18.52 7.58 3.21
N ALA B 76 -17.73 6.56 2.87
CA ALA B 76 -17.55 5.48 3.82
C ALA B 76 -16.16 5.43 4.41
N SER B 77 -15.49 6.57 4.43
CA SER B 77 -14.15 6.57 4.96
C SER B 77 -13.90 7.85 5.69
N ARG B 78 -14.97 8.40 6.23
CA ARG B 78 -14.86 9.64 6.93
C ARG B 78 -13.81 9.65 8.01
N PRO B 79 -13.79 8.65 8.89
CA PRO B 79 -12.76 8.72 9.92
C PRO B 79 -11.37 8.93 9.32
N TRP B 80 -11.21 8.45 8.10
CA TRP B 80 -9.94 8.57 7.41
C TRP B 80 -9.62 10.01 7.11
N LEU B 81 -10.62 10.71 6.57
CA LEU B 81 -10.46 12.11 6.25
C LEU B 81 -10.07 12.80 7.53
N CYS B 82 -10.60 12.31 8.64
CA CYS B 82 -10.27 12.94 9.90
C CYS B 82 -8.80 12.84 10.12
N TYR B 83 -8.36 11.59 10.12
CA TYR B 83 -6.97 11.25 10.36
C TYR B 83 -6.06 12.00 9.43
N TRP B 84 -6.21 11.74 8.16
CA TRP B 84 -5.37 12.40 7.21
C TRP B 84 -5.23 13.84 7.57
N ILE B 85 -6.34 14.55 7.56
CA ILE B 85 -6.30 15.96 7.84
C ILE B 85 -5.69 16.21 9.19
N LEU B 86 -6.24 15.56 10.19
CA LEU B 86 -5.75 15.76 11.54
C LEU B 86 -4.28 15.39 11.73
N HIS B 87 -3.65 14.78 10.73
CA HIS B 87 -2.26 14.42 10.90
C HIS B 87 -1.40 15.43 10.17
N SER B 88 -1.85 15.78 8.99
CA SER B 88 -1.15 16.74 8.18
C SER B 88 -0.96 17.96 9.04
N LEU B 89 -2.08 18.46 9.56
CA LEU B 89 -2.01 19.63 10.40
C LEU B 89 -0.96 19.34 11.44
N GLU B 90 -1.15 18.20 12.10
CA GLU B 90 -0.23 17.75 13.12
C GLU B 90 1.21 17.92 12.66
N LEU B 91 1.50 17.41 11.47
CA LEU B 91 2.85 17.51 10.95
C LEU B 91 3.22 18.95 10.69
N LEU B 92 2.26 19.70 10.15
CA LEU B 92 2.49 21.10 9.84
C LEU B 92 2.57 21.87 11.12
N ASP B 93 2.52 21.16 12.24
CA ASP B 93 2.60 21.81 13.51
C ASP B 93 1.46 22.80 13.72
N GLU B 94 0.40 22.66 12.93
CA GLU B 94 -0.72 23.56 13.08
C GLU B 94 -1.59 23.20 14.28
N PRO B 95 -2.45 24.13 14.74
CA PRO B 95 -3.35 24.00 15.88
C PRO B 95 -4.62 23.16 15.69
N ILE B 96 -5.05 22.53 16.77
CA ILE B 96 -6.27 21.73 16.74
C ILE B 96 -7.19 22.29 17.80
N PRO B 97 -7.85 23.39 17.50
CA PRO B 97 -8.77 24.04 18.43
C PRO B 97 -9.57 23.08 19.33
N GLN B 98 -9.50 23.37 20.62
CA GLN B 98 -10.18 22.60 21.63
C GLN B 98 -11.65 22.43 21.37
N ILE B 99 -12.17 23.07 20.33
CA ILE B 99 -13.58 22.88 20.09
C ILE B 99 -13.75 21.97 18.92
N VAL B 100 -12.88 22.16 17.94
CA VAL B 100 -12.92 21.35 16.76
C VAL B 100 -12.59 19.93 17.18
N ALA B 101 -11.55 19.79 18.00
CA ALA B 101 -11.17 18.46 18.42
C ALA B 101 -12.39 17.77 19.02
N THR B 102 -13.14 18.50 19.84
CA THR B 102 -14.32 17.93 20.47
C THR B 102 -15.31 17.44 19.45
N ASP B 103 -15.62 18.28 18.49
CA ASP B 103 -16.56 17.89 17.47
C ASP B 103 -16.09 16.57 16.90
N VAL B 104 -14.83 16.52 16.51
CA VAL B 104 -14.27 15.28 15.97
C VAL B 104 -14.60 14.14 16.91
N CYS B 105 -14.25 14.34 18.18
CA CYS B 105 -14.51 13.35 19.23
C CYS B 105 -15.94 12.92 19.12
N GLN B 106 -16.80 13.91 19.07
CA GLN B 106 -18.21 13.68 19.02
C GLN B 106 -18.65 12.96 17.77
N PHE B 107 -18.03 13.28 16.66
CA PHE B 107 -18.41 12.65 15.42
C PHE B 107 -17.99 11.21 15.38
N LEU B 108 -16.74 10.98 15.77
CA LEU B 108 -16.20 9.62 15.77
C LEU B 108 -17.07 8.74 16.65
N GLU B 109 -17.54 9.31 17.75
CA GLU B 109 -18.40 8.58 18.67
C GLU B 109 -19.60 8.02 17.92
N LEU B 110 -20.09 8.80 16.97
CA LEU B 110 -21.24 8.42 16.16
C LEU B 110 -20.85 7.40 15.14
N CYS B 111 -19.56 7.29 14.86
CA CYS B 111 -19.13 6.32 13.88
C CYS B 111 -18.92 4.98 14.58
N GLN B 112 -18.53 5.07 15.86
CA GLN B 112 -18.28 3.88 16.68
C GLN B 112 -19.49 2.97 16.72
N SER B 113 -19.28 1.66 16.49
CA SER B 113 -20.39 0.70 16.53
C SER B 113 -20.59 0.12 17.91
N PRO B 114 -21.84 -0.25 18.23
CA PRO B 114 -22.20 -0.83 19.52
C PRO B 114 -21.58 -2.21 19.70
N ASP B 115 -21.03 -2.73 18.61
CA ASP B 115 -20.37 -4.02 18.60
C ASP B 115 -18.88 -3.88 18.66
N GLY B 116 -18.44 -2.61 18.74
CA GLY B 116 -17.03 -2.32 18.79
C GLY B 116 -16.52 -1.90 17.42
N GLY B 117 -15.44 -1.14 17.44
CA GLY B 117 -14.86 -0.69 16.20
C GLY B 117 -15.56 0.49 15.59
N PHE B 118 -15.08 0.90 14.42
CA PHE B 118 -15.67 2.05 13.78
C PHE B 118 -16.16 1.82 12.37
N GLY B 119 -17.14 2.63 11.99
CA GLY B 119 -17.72 2.54 10.66
C GLY B 119 -17.22 3.71 9.82
N GLY B 120 -17.48 3.67 8.53
CA GLY B 120 -17.02 4.74 7.67
C GLY B 120 -17.71 6.06 7.93
N GLY B 121 -18.80 6.04 8.71
CA GLY B 121 -19.54 7.25 9.02
C GLY B 121 -20.64 6.86 10.00
N PRO B 122 -21.45 7.81 10.51
CA PRO B 122 -22.50 7.42 11.45
C PRO B 122 -23.45 6.36 10.91
N GLY B 123 -23.63 5.29 11.68
CA GLY B 123 -24.52 4.22 11.28
C GLY B 123 -23.92 3.14 10.41
N GLN B 124 -22.63 3.23 10.10
CA GLN B 124 -22.03 2.20 9.25
C GLN B 124 -21.44 1.05 10.04
N TYR B 125 -21.48 -0.13 9.45
CA TYR B 125 -20.92 -1.28 10.12
C TYR B 125 -19.46 -1.03 10.39
N PRO B 126 -18.98 -1.49 11.54
CA PRO B 126 -17.57 -1.28 11.85
C PRO B 126 -16.68 -1.95 10.82
N HIS B 127 -15.50 -1.38 10.60
CA HIS B 127 -14.56 -1.90 9.62
C HIS B 127 -13.18 -1.56 10.17
N LEU B 128 -12.22 -2.45 10.02
CA LEU B 128 -10.89 -2.20 10.56
C LEU B 128 -10.19 -0.93 10.05
N ALA B 129 -10.36 -0.61 8.78
CA ALA B 129 -9.74 0.58 8.20
C ALA B 129 -10.14 1.81 8.96
N PRO B 130 -11.45 2.10 8.97
CA PRO B 130 -11.95 3.28 9.66
C PRO B 130 -11.58 3.13 11.12
N THR B 131 -11.58 1.92 11.60
CA THR B 131 -11.22 1.75 12.99
C THR B 131 -9.81 2.21 13.26
N TYR B 132 -8.88 1.78 12.42
CA TYR B 132 -7.50 2.17 12.57
C TYR B 132 -7.43 3.69 12.50
N ALA B 133 -8.12 4.28 11.53
CA ALA B 133 -8.13 5.73 11.36
C ALA B 133 -8.69 6.42 12.59
N ALA B 134 -9.85 5.98 13.05
CA ALA B 134 -10.52 6.61 14.18
C ALA B 134 -9.60 6.71 15.37
N VAL B 135 -9.01 5.59 15.71
CA VAL B 135 -8.11 5.53 16.83
C VAL B 135 -6.96 6.48 16.68
N ASN B 136 -6.24 6.37 15.57
CA ASN B 136 -5.13 7.27 15.37
C ASN B 136 -5.62 8.67 15.61
N ALA B 137 -6.74 9.02 14.97
CA ALA B 137 -7.29 10.35 15.13
C ALA B 137 -7.35 10.72 16.60
N LEU B 138 -8.21 10.00 17.31
CA LEU B 138 -8.41 10.24 18.73
C LEU B 138 -7.12 10.41 19.43
N CYS B 139 -6.10 9.70 18.95
CA CYS B 139 -4.82 9.79 19.60
C CYS B 139 -4.16 11.09 19.32
N ILE B 140 -4.15 11.44 18.05
CA ILE B 140 -3.55 12.68 17.62
C ILE B 140 -4.10 13.78 18.51
N ILE B 141 -5.39 13.71 18.80
CA ILE B 141 -5.99 14.69 19.68
C ILE B 141 -5.34 14.46 21.02
N GLY B 142 -5.49 13.26 21.55
CA GLY B 142 -4.89 12.91 22.83
C GLY B 142 -5.40 13.64 24.05
N THR B 143 -6.67 13.42 24.41
CA THR B 143 -7.23 14.05 25.59
C THR B 143 -8.14 13.03 26.26
N GLU B 144 -8.28 13.16 27.58
CA GLU B 144 -9.15 12.24 28.32
C GLU B 144 -10.37 11.98 27.47
N GLU B 145 -10.96 13.07 26.98
CA GLU B 145 -12.16 12.98 26.16
C GLU B 145 -11.94 12.08 24.97
N ALA B 146 -11.00 12.45 24.10
CA ALA B 146 -10.73 11.64 22.92
C ALA B 146 -10.56 10.18 23.31
N TYR B 147 -9.58 9.89 24.17
CA TYR B 147 -9.30 8.53 24.62
C TYR B 147 -10.58 7.86 25.14
N ASN B 148 -11.37 8.59 25.90
CA ASN B 148 -12.58 8.01 26.46
C ASN B 148 -13.65 7.67 25.48
N VAL B 149 -13.47 8.10 24.24
CA VAL B 149 -14.46 7.77 23.23
C VAL B 149 -14.35 6.29 22.89
N ILE B 150 -13.11 5.79 22.86
CA ILE B 150 -12.85 4.39 22.53
C ILE B 150 -13.29 3.32 23.54
N ASN B 151 -14.26 2.51 23.14
CA ASN B 151 -14.75 1.45 24.01
C ASN B 151 -13.85 0.25 23.90
N ARG B 152 -12.88 0.16 24.80
CA ARG B 152 -11.93 -0.95 24.75
C ARG B 152 -12.56 -2.33 24.85
N GLU B 153 -13.42 -2.52 25.84
CA GLU B 153 -14.05 -3.81 26.03
C GLU B 153 -14.72 -4.29 24.76
N LYS B 154 -15.31 -3.35 24.02
CA LYS B 154 -16.02 -3.71 22.79
C LYS B 154 -15.07 -3.92 21.65
N LEU B 155 -13.99 -3.14 21.67
CA LEU B 155 -12.99 -3.23 20.65
C LEU B 155 -12.50 -4.66 20.58
N LEU B 156 -12.18 -5.22 21.74
CA LEU B 156 -11.68 -6.58 21.78
C LEU B 156 -12.66 -7.53 21.15
N GLN B 157 -13.90 -7.51 21.63
CA GLN B 157 -14.94 -8.36 21.10
C GLN B 157 -14.83 -8.30 19.58
N TYR B 158 -14.99 -7.10 19.04
CA TYR B 158 -14.92 -6.92 17.61
C TYR B 158 -13.67 -7.58 17.06
N LEU B 159 -12.51 -7.15 17.53
CA LEU B 159 -11.27 -7.73 17.05
C LEU B 159 -11.33 -9.26 16.95
N TYR B 160 -11.80 -9.90 18.02
CA TYR B 160 -11.93 -11.36 18.06
C TYR B 160 -12.94 -11.84 17.03
N SER B 161 -13.99 -11.06 16.83
CA SER B 161 -15.00 -11.45 15.86
C SER B 161 -14.44 -11.59 14.45
N LEU B 162 -13.33 -10.90 14.16
CA LEU B 162 -12.77 -10.99 12.82
C LEU B 162 -11.59 -11.93 12.75
N LYS B 163 -11.10 -12.36 13.91
CA LYS B 163 -9.95 -13.25 13.93
C LYS B 163 -10.16 -14.55 13.17
N GLN B 164 -9.21 -14.94 12.33
CA GLN B 164 -9.33 -16.19 11.60
C GLN B 164 -8.43 -17.28 12.18
N PRO B 165 -8.80 -18.55 11.95
CA PRO B 165 -8.01 -19.66 12.48
C PRO B 165 -6.56 -19.69 11.95
N ASP B 166 -6.35 -19.30 10.69
CA ASP B 166 -5.00 -19.33 10.12
C ASP B 166 -4.15 -18.15 10.55
N GLY B 167 -4.70 -17.33 11.43
CA GLY B 167 -3.97 -16.18 11.94
C GLY B 167 -4.31 -14.82 11.33
N SER B 168 -5.02 -14.79 10.21
CA SER B 168 -5.37 -13.54 9.56
C SER B 168 -6.67 -13.00 10.17
N PHE B 169 -7.11 -11.81 9.75
CA PHE B 169 -8.36 -11.23 10.25
C PHE B 169 -9.17 -10.77 9.05
N LEU B 170 -10.47 -10.56 9.23
CA LEU B 170 -11.26 -10.06 8.12
C LEU B 170 -11.20 -8.57 8.35
N MET B 171 -11.53 -7.80 7.34
CA MET B 171 -11.51 -6.37 7.52
C MET B 171 -12.79 -6.02 8.24
N HIS B 172 -13.80 -6.84 7.99
CA HIS B 172 -15.08 -6.63 8.62
C HIS B 172 -15.85 -7.91 8.47
N VAL B 173 -16.89 -8.04 9.27
CA VAL B 173 -17.74 -9.20 9.20
C VAL B 173 -18.21 -9.43 7.75
N GLY B 174 -17.91 -10.62 7.23
CA GLY B 174 -18.30 -10.95 5.87
C GLY B 174 -17.39 -10.30 4.86
N GLY B 175 -16.34 -9.66 5.37
CA GLY B 175 -15.40 -8.97 4.51
C GLY B 175 -14.18 -9.76 4.08
N GLU B 176 -13.37 -9.10 3.26
CA GLU B 176 -12.17 -9.68 2.70
C GLU B 176 -11.04 -9.78 3.70
N VAL B 177 -9.97 -10.40 3.27
CA VAL B 177 -8.80 -10.58 4.09
C VAL B 177 -7.53 -10.26 3.34
N ASP B 178 -6.65 -9.53 4.02
CA ASP B 178 -5.37 -9.15 3.49
C ASP B 178 -4.68 -8.51 4.65
N VAL B 179 -3.37 -8.38 4.54
CA VAL B 179 -2.53 -7.81 5.57
C VAL B 179 -3.07 -6.56 6.24
N ARG B 180 -3.64 -5.63 5.48
CA ARG B 180 -4.17 -4.42 6.09
C ARG B 180 -4.75 -4.73 7.47
N SER B 181 -5.68 -5.70 7.48
CA SER B 181 -6.35 -6.12 8.70
C SER B 181 -5.38 -6.38 9.83
N ALA B 182 -4.30 -7.08 9.54
CA ALA B 182 -3.32 -7.38 10.59
C ALA B 182 -2.75 -6.12 11.20
N TYR B 183 -2.31 -5.21 10.34
CA TYR B 183 -1.73 -3.99 10.83
C TYR B 183 -2.80 -3.21 11.60
N CYS B 184 -3.96 -3.07 10.98
CA CYS B 184 -5.04 -2.35 11.61
C CYS B 184 -5.23 -2.85 13.03
N ALA B 185 -5.51 -4.15 13.14
CA ALA B 185 -5.74 -4.75 14.45
C ALA B 185 -4.62 -4.45 15.42
N ALA B 186 -3.41 -4.86 15.04
CA ALA B 186 -2.25 -4.65 15.89
C ALA B 186 -2.13 -3.21 16.35
N SER B 187 -2.24 -2.26 15.43
CA SER B 187 -2.09 -0.87 15.80
C SER B 187 -3.08 -0.41 16.87
N VAL B 188 -4.35 -0.67 16.65
CA VAL B 188 -5.36 -0.23 17.59
C VAL B 188 -5.31 -0.96 18.92
N ALA B 189 -5.08 -2.27 18.85
CA ALA B 189 -5.03 -3.10 20.04
C ALA B 189 -3.91 -2.66 20.97
N SER B 190 -2.72 -2.51 20.39
CA SER B 190 -1.56 -2.13 21.17
C SER B 190 -1.75 -0.77 21.80
N LEU B 191 -2.15 0.18 20.98
CA LEU B 191 -2.33 1.53 21.48
C LEU B 191 -3.29 1.56 22.63
N THR B 192 -4.41 0.87 22.48
CA THR B 192 -5.42 0.85 23.51
C THR B 192 -5.16 -0.16 24.60
N ASN B 193 -4.11 -0.95 24.38
CA ASN B 193 -3.74 -1.93 25.36
C ASN B 193 -4.85 -2.95 25.61
N ILE B 194 -5.16 -3.73 24.60
CA ILE B 194 -6.20 -4.73 24.75
C ILE B 194 -5.67 -6.05 24.27
N ILE B 195 -4.36 -6.10 24.03
CA ILE B 195 -3.76 -7.32 23.54
C ILE B 195 -3.72 -8.43 24.56
N THR B 196 -4.53 -9.44 24.31
CA THR B 196 -4.54 -10.58 25.19
C THR B 196 -3.46 -11.53 24.72
N PRO B 197 -3.29 -12.64 25.44
CA PRO B 197 -2.23 -13.53 25.00
C PRO B 197 -2.48 -14.23 23.65
N ASP B 198 -3.71 -14.61 23.37
CA ASP B 198 -4.00 -15.33 22.13
C ASP B 198 -4.57 -14.49 21.02
N LEU B 199 -4.82 -13.23 21.32
CA LEU B 199 -5.39 -12.35 20.33
C LEU B 199 -4.73 -12.54 18.98
N PHE B 200 -3.41 -12.36 18.91
CA PHE B 200 -2.74 -12.48 17.64
C PHE B 200 -2.08 -13.80 17.36
N GLU B 201 -2.65 -14.84 17.94
CA GLU B 201 -2.14 -16.19 17.77
C GLU B 201 -1.92 -16.54 16.29
N GLY B 202 -0.65 -16.78 15.93
CA GLY B 202 -0.33 -17.18 14.56
C GLY B 202 -0.36 -16.08 13.53
N THR B 203 -0.70 -14.88 13.95
CA THR B 203 -0.77 -13.78 13.02
C THR B 203 0.57 -13.51 12.38
N ALA B 204 1.61 -13.54 13.20
CA ALA B 204 2.96 -13.29 12.71
C ALA B 204 3.30 -14.29 11.63
N GLU B 205 2.86 -15.52 11.82
CA GLU B 205 3.16 -16.53 10.84
C GLU B 205 2.38 -16.25 9.57
N TRP B 206 1.13 -15.82 9.69
CA TRP B 206 0.39 -15.53 8.48
C TRP B 206 1.09 -14.41 7.70
N ILE B 207 1.37 -13.31 8.37
CA ILE B 207 2.03 -12.21 7.70
C ILE B 207 3.29 -12.71 7.01
N ALA B 208 4.08 -13.52 7.72
CA ALA B 208 5.32 -14.09 7.17
C ALA B 208 5.14 -14.84 5.86
N ARG B 209 3.98 -15.45 5.66
CA ARG B 209 3.70 -16.19 4.45
C ARG B 209 3.42 -15.24 3.30
N CYS B 210 3.23 -13.97 3.62
CA CYS B 210 2.95 -13.00 2.58
C CYS B 210 4.21 -12.54 1.88
N GLN B 211 5.37 -12.77 2.51
CA GLN B 211 6.63 -12.36 1.91
C GLN B 211 7.00 -13.30 0.78
N ASN B 212 7.18 -12.77 -0.41
CA ASN B 212 7.47 -13.62 -1.54
C ASN B 212 8.88 -13.54 -2.07
N TRP B 213 9.08 -14.22 -3.19
CA TRP B 213 10.34 -14.29 -3.87
C TRP B 213 10.95 -12.93 -4.15
N GLU B 214 10.17 -11.86 -4.07
CA GLU B 214 10.75 -10.56 -4.33
C GLU B 214 11.43 -9.97 -3.12
N GLY B 215 11.10 -10.49 -1.94
CA GLY B 215 11.68 -10.00 -0.71
C GLY B 215 10.64 -9.09 -0.11
N GLY B 216 9.68 -8.72 -0.95
CA GLY B 216 8.63 -7.84 -0.49
C GLY B 216 7.49 -8.64 0.08
N ILE B 217 6.46 -7.95 0.52
CA ILE B 217 5.32 -8.62 1.08
C ILE B 217 4.12 -8.29 0.25
N GLY B 218 3.24 -9.28 0.09
CA GLY B 218 2.04 -9.07 -0.69
C GLY B 218 0.77 -9.07 0.14
N GLY B 219 -0.34 -8.79 -0.52
CA GLY B 219 -1.64 -8.72 0.16
C GLY B 219 -2.02 -10.00 0.89
N VAL B 220 -1.77 -11.12 0.26
CA VAL B 220 -2.06 -12.42 0.86
C VAL B 220 -1.00 -13.32 0.32
N PRO B 221 -0.70 -14.40 1.03
CA PRO B 221 0.35 -15.26 0.51
C PRO B 221 0.14 -15.58 -0.94
N GLY B 222 1.22 -15.53 -1.70
CA GLY B 222 1.18 -15.82 -3.12
C GLY B 222 1.17 -14.61 -4.03
N MET B 223 0.79 -13.46 -3.49
CA MET B 223 0.71 -12.24 -4.30
C MET B 223 1.98 -11.38 -4.39
N GLU B 224 2.06 -10.61 -5.46
CA GLU B 224 3.16 -9.70 -5.77
C GLU B 224 3.54 -8.76 -4.61
N ALA B 225 4.83 -8.54 -4.41
CA ALA B 225 5.27 -7.65 -3.34
C ALA B 225 4.71 -6.26 -3.56
N HIS B 226 4.17 -5.65 -2.51
CA HIS B 226 3.60 -4.33 -2.65
C HIS B 226 3.90 -3.41 -1.49
N GLY B 227 4.25 -2.17 -1.84
CA GLY B 227 4.59 -1.18 -0.86
C GLY B 227 3.59 -1.00 0.26
N GLY B 228 2.34 -0.78 -0.10
CA GLY B 228 1.33 -0.58 0.92
C GLY B 228 1.17 -1.75 1.85
N TYR B 229 1.22 -2.95 1.29
CA TYR B 229 1.08 -4.16 2.10
C TYR B 229 2.36 -4.43 2.83
N THR B 230 3.49 -4.13 2.22
CA THR B 230 4.73 -4.39 2.90
C THR B 230 4.84 -3.61 4.19
N PHE B 231 4.38 -2.37 4.20
CA PHE B 231 4.45 -1.58 5.41
C PHE B 231 3.59 -2.22 6.49
N CYS B 232 2.38 -2.55 6.10
CA CYS B 232 1.43 -3.18 6.99
C CYS B 232 2.06 -4.40 7.62
N GLY B 233 2.65 -5.23 6.79
CA GLY B 233 3.28 -6.42 7.30
C GLY B 233 4.32 -6.11 8.35
N LEU B 234 5.40 -5.50 7.89
CA LEU B 234 6.52 -5.13 8.74
C LEU B 234 6.07 -4.43 10.00
N ALA B 235 5.36 -3.33 9.80
CA ALA B 235 4.86 -2.58 10.92
C ALA B 235 4.16 -3.54 11.86
N ALA B 236 3.27 -4.34 11.29
CA ALA B 236 2.52 -5.28 12.10
C ALA B 236 3.50 -6.12 12.88
N LEU B 237 4.50 -6.70 12.22
CA LEU B 237 5.46 -7.53 12.93
C LEU B 237 6.24 -6.81 13.98
N VAL B 238 6.54 -5.54 13.73
CA VAL B 238 7.30 -4.76 14.69
C VAL B 238 6.47 -4.64 15.95
N ILE B 239 5.19 -4.38 15.76
CA ILE B 239 4.33 -4.23 16.92
C ILE B 239 4.31 -5.50 17.74
N LEU B 240 4.16 -6.63 17.07
CA LEU B 240 4.12 -7.89 17.77
C LEU B 240 5.50 -8.28 18.20
N LYS B 241 6.49 -7.49 17.78
CA LYS B 241 7.84 -7.81 18.18
C LYS B 241 8.29 -9.10 17.51
N LYS B 242 8.06 -9.24 16.22
CA LYS B 242 8.49 -10.46 15.57
C LYS B 242 9.01 -10.20 14.18
N GLU B 243 9.58 -9.03 13.97
CA GLU B 243 10.10 -8.68 12.65
C GLU B 243 10.93 -9.84 12.14
N ARG B 244 11.75 -10.41 13.01
CA ARG B 244 12.60 -11.53 12.62
C ARG B 244 11.87 -12.66 11.92
N SER B 245 10.54 -12.60 11.89
CA SER B 245 9.83 -13.66 11.22
C SER B 245 10.05 -13.59 9.73
N LEU B 246 10.70 -12.52 9.30
CA LEU B 246 10.97 -12.32 7.90
C LEU B 246 12.43 -12.41 7.57
N ASN B 247 12.71 -12.40 6.27
CA ASN B 247 14.06 -12.38 5.80
C ASN B 247 14.28 -10.90 5.58
N LEU B 248 14.67 -10.22 6.63
CA LEU B 248 14.90 -8.79 6.56
C LEU B 248 15.88 -8.37 5.49
N LYS B 249 16.90 -9.19 5.26
CA LYS B 249 17.91 -8.88 4.27
C LYS B 249 17.27 -8.60 2.93
N SER B 250 16.65 -9.63 2.34
CA SER B 250 16.02 -9.47 1.05
C SER B 250 14.94 -8.41 1.11
N LEU B 251 14.32 -8.27 2.28
CA LEU B 251 13.27 -7.27 2.43
C LEU B 251 13.88 -5.90 2.16
N LEU B 252 15.05 -5.71 2.76
CA LEU B 252 15.80 -4.49 2.65
C LEU B 252 16.17 -4.22 1.21
N GLN B 253 16.70 -5.23 0.54
CA GLN B 253 17.11 -5.04 -0.84
C GLN B 253 15.93 -4.70 -1.75
N TRP B 254 14.75 -5.17 -1.38
CA TRP B 254 13.57 -4.94 -2.21
C TRP B 254 13.07 -3.52 -2.10
N VAL B 255 12.86 -3.06 -0.87
CA VAL B 255 12.38 -1.71 -0.64
C VAL B 255 13.32 -0.70 -1.23
N THR B 256 14.61 -0.84 -0.92
CA THR B 256 15.61 0.09 -1.39
C THR B 256 15.64 0.17 -2.90
N SER B 257 15.23 -0.90 -3.55
CA SER B 257 15.21 -0.92 -4.99
C SER B 257 13.99 -0.19 -5.50
N ARG B 258 13.08 0.11 -4.59
CA ARG B 258 11.84 0.78 -4.97
C ARG B 258 11.94 2.28 -5.18
N GLN B 259 13.09 2.86 -4.87
CA GLN B 259 13.26 4.30 -5.07
C GLN B 259 13.66 4.56 -6.53
N MET B 260 12.98 5.49 -7.20
CA MET B 260 13.28 5.79 -8.61
C MET B 260 14.56 6.58 -8.78
N ARG B 261 15.57 5.96 -9.39
CA ARG B 261 16.87 6.62 -9.58
C ARG B 261 16.76 7.98 -10.26
N PHE B 262 15.78 8.14 -11.13
CA PHE B 262 15.68 9.42 -11.79
C PHE B 262 14.71 10.35 -11.09
N GLU B 263 13.59 9.83 -10.61
CA GLU B 263 12.59 10.67 -9.95
C GLU B 263 12.85 11.02 -8.50
N GLY B 264 13.50 10.11 -7.77
CA GLY B 264 13.77 10.34 -6.36
C GLY B 264 12.70 9.78 -5.43
N GLY B 265 11.49 9.68 -5.94
CA GLY B 265 10.38 9.14 -5.17
C GLY B 265 10.35 7.63 -5.26
N PHE B 266 9.38 7.04 -4.56
CA PHE B 266 9.24 5.60 -4.55
C PHE B 266 8.12 5.08 -5.42
N GLN B 267 8.15 3.79 -5.69
CA GLN B 267 7.14 3.11 -6.48
C GLN B 267 6.59 2.02 -5.59
N GLY B 268 5.29 1.74 -5.71
CA GLY B 268 4.70 0.72 -4.85
C GLY B 268 5.07 -0.69 -5.26
N ARG B 269 5.37 -0.88 -6.54
CA ARG B 269 5.71 -2.19 -7.07
C ARG B 269 6.79 -2.09 -8.14
N CYS B 270 7.67 -3.09 -8.18
CA CYS B 270 8.74 -3.12 -9.17
C CYS B 270 8.13 -2.88 -10.53
N ASN B 271 8.76 -2.01 -11.31
CA ASN B 271 8.28 -1.72 -12.65
C ASN B 271 6.94 -1.01 -12.71
N LYS B 272 6.63 -0.26 -11.66
CA LYS B 272 5.39 0.54 -11.58
C LYS B 272 5.90 1.99 -11.61
N LEU B 273 5.00 2.98 -11.46
CA LEU B 273 5.48 4.36 -11.52
C LEU B 273 5.60 4.98 -10.15
N VAL B 274 6.26 6.13 -10.08
CA VAL B 274 6.40 6.82 -8.81
C VAL B 274 5.02 7.28 -8.34
N ASP B 275 4.86 7.41 -7.03
CA ASP B 275 3.61 7.88 -6.44
C ASP B 275 3.83 8.43 -5.04
N GLY B 276 3.65 9.73 -4.92
CA GLY B 276 3.87 10.41 -3.65
C GLY B 276 3.54 9.63 -2.39
N CYS B 277 2.36 9.01 -2.36
CA CYS B 277 1.92 8.27 -1.19
C CYS B 277 2.96 7.26 -0.74
N TYR B 278 3.61 6.63 -1.70
CA TYR B 278 4.61 5.65 -1.35
C TYR B 278 5.81 6.30 -0.72
N SER B 279 5.73 7.61 -0.57
CA SER B 279 6.81 8.30 0.08
C SER B 279 6.77 7.78 1.48
N PHE B 280 5.59 7.44 1.93
CA PHE B 280 5.56 6.91 3.26
C PHE B 280 5.53 5.40 3.30
N TRP B 281 4.54 4.80 2.64
CA TRP B 281 4.44 3.36 2.65
C TRP B 281 5.77 2.69 2.37
N GLN B 282 6.52 3.19 1.41
CA GLN B 282 7.78 2.51 1.14
C GLN B 282 8.92 3.02 2.00
N ALA B 283 9.12 4.33 1.99
CA ALA B 283 10.21 4.92 2.74
C ALA B 283 10.14 4.65 4.23
N GLY B 284 8.95 4.54 4.79
CA GLY B 284 8.81 4.28 6.22
C GLY B 284 9.35 2.92 6.65
N LEU B 285 9.48 2.00 5.70
CA LEU B 285 9.97 0.70 6.02
C LEU B 285 11.38 0.76 6.56
N LEU B 286 12.17 1.67 6.02
CA LEU B 286 13.56 1.77 6.45
C LEU B 286 13.74 2.05 7.93
N PRO B 287 13.03 3.04 8.47
CA PRO B 287 13.22 3.31 9.90
C PRO B 287 12.87 2.03 10.65
N LEU B 288 11.83 1.35 10.16
CA LEU B 288 11.41 0.11 10.78
C LEU B 288 12.55 -0.88 10.65
N LEU B 289 13.08 -0.99 9.45
CA LEU B 289 14.17 -1.91 9.23
C LEU B 289 15.40 -1.54 10.06
N HIS B 290 15.58 -0.26 10.35
CA HIS B 290 16.75 0.09 11.13
C HIS B 290 16.65 -0.61 12.46
N ARG B 291 15.62 -0.26 13.23
CA ARG B 291 15.37 -0.84 14.55
C ARG B 291 15.69 -2.33 14.43
N ALA B 292 14.83 -3.03 13.70
CA ALA B 292 14.96 -4.46 13.45
C ALA B 292 16.41 -4.92 13.39
N LEU B 293 17.15 -4.43 12.39
CA LEU B 293 18.53 -4.82 12.22
C LEU B 293 19.39 -4.45 13.40
N HIS B 294 19.21 -3.22 13.89
CA HIS B 294 19.98 -2.74 15.03
C HIS B 294 19.61 -3.63 16.18
N ALA B 295 18.36 -4.09 16.18
CA ALA B 295 17.83 -4.94 17.24
C ALA B 295 18.61 -6.24 17.32
N GLN B 296 19.01 -6.78 16.18
CA GLN B 296 19.82 -7.99 16.19
C GLN B 296 21.29 -7.55 16.07
N GLY B 297 21.62 -6.49 16.81
CA GLY B 297 22.97 -5.95 16.85
C GLY B 297 23.69 -5.78 15.54
N ASP B 298 23.13 -5.00 14.61
CA ASP B 298 23.83 -4.83 13.37
C ASP B 298 24.82 -3.68 13.45
N PRO B 299 26.11 -4.01 13.32
CA PRO B 299 27.15 -2.97 13.40
C PRO B 299 27.18 -2.04 12.16
N ALA B 300 27.17 -2.60 10.96
CA ALA B 300 27.23 -1.79 9.73
C ALA B 300 26.13 -0.75 9.55
N LEU B 301 25.29 -0.50 10.55
CA LEU B 301 24.23 0.50 10.39
C LEU B 301 24.70 1.95 10.58
N SER B 302 24.19 2.85 9.74
CA SER B 302 24.54 4.27 9.85
C SER B 302 24.00 4.84 11.16
N MET B 303 24.58 5.96 11.58
CA MET B 303 24.18 6.64 12.81
C MET B 303 23.65 8.02 12.44
N SER B 304 23.39 8.25 11.16
CA SER B 304 22.93 9.56 10.75
C SER B 304 21.86 9.58 9.68
N HIS B 305 21.75 8.50 8.91
CA HIS B 305 20.76 8.45 7.82
C HIS B 305 20.00 7.14 7.65
N TRP B 306 18.91 7.21 6.90
CA TRP B 306 18.11 6.02 6.60
C TRP B 306 18.71 5.39 5.37
N MET B 307 18.48 4.10 5.21
CA MET B 307 19.08 3.46 4.06
C MET B 307 18.40 3.77 2.76
N PHE B 308 18.14 5.06 2.54
CA PHE B 308 17.55 5.54 1.29
C PHE B 308 17.89 7.01 1.08
N HIS B 309 17.92 7.44 -0.17
CA HIS B 309 18.25 8.82 -0.46
C HIS B 309 17.28 9.87 0.10
N GLN B 310 17.46 10.22 1.36
CA GLN B 310 16.62 11.21 2.00
C GLN B 310 16.55 12.49 1.16
N GLN B 311 17.68 12.88 0.58
CA GLN B 311 17.73 14.08 -0.25
C GLN B 311 16.77 13.99 -1.41
N ALA B 312 17.01 13.02 -2.28
CA ALA B 312 16.18 12.83 -3.46
C ALA B 312 14.70 12.82 -3.15
N LEU B 313 14.30 12.04 -2.16
CA LEU B 313 12.89 12.01 -1.86
C LEU B 313 12.31 13.36 -1.50
N GLN B 314 13.07 14.17 -0.78
CA GLN B 314 12.59 15.48 -0.36
C GLN B 314 12.42 16.39 -1.53
N GLU B 315 13.31 16.19 -2.48
CA GLU B 315 13.28 16.98 -3.67
C GLU B 315 12.02 16.62 -4.40
N TYR B 316 11.91 15.34 -4.76
CA TYR B 316 10.72 14.88 -5.47
C TYR B 316 9.45 15.46 -4.87
N ILE B 317 9.23 15.19 -3.60
CA ILE B 317 8.04 15.69 -2.96
C ILE B 317 7.87 17.17 -3.16
N LEU B 318 8.84 17.92 -2.67
CA LEU B 318 8.85 19.36 -2.72
C LEU B 318 8.67 19.94 -4.11
N MET B 319 9.45 19.43 -5.04
CA MET B 319 9.37 19.95 -6.38
C MET B 319 8.18 19.45 -7.18
N CYS B 320 7.92 18.16 -7.08
CA CYS B 320 6.87 17.54 -7.84
C CYS B 320 5.49 17.23 -7.29
N CYS B 321 5.32 17.13 -5.99
CA CYS B 321 4.02 16.74 -5.48
C CYS B 321 3.24 17.78 -4.75
N GLN B 322 3.68 19.02 -4.86
CA GLN B 322 3.00 20.06 -4.16
C GLN B 322 1.99 20.76 -5.05
N CYS B 323 0.81 21.04 -4.49
CA CYS B 323 -0.23 21.72 -5.27
C CYS B 323 -0.25 23.19 -4.91
N PRO B 324 -0.05 24.05 -5.91
CA PRO B 324 -0.05 25.50 -5.70
C PRO B 324 -1.19 25.91 -4.78
N ALA B 325 -2.40 25.50 -5.13
CA ALA B 325 -3.56 25.86 -4.32
C ALA B 325 -3.50 25.24 -2.92
N GLY B 326 -2.60 24.30 -2.74
CA GLY B 326 -2.50 23.65 -1.44
C GLY B 326 -2.83 22.18 -1.63
N GLY B 327 -2.30 21.34 -0.75
CA GLY B 327 -2.51 19.91 -0.85
C GLY B 327 -1.35 19.33 -1.64
N LEU B 328 -1.02 18.06 -1.41
CA LEU B 328 0.06 17.37 -2.12
C LEU B 328 -0.58 16.42 -3.09
N LEU B 329 0.22 15.76 -3.90
CA LEU B 329 -0.39 14.84 -4.84
C LEU B 329 0.45 13.68 -5.32
N ASP B 330 -0.21 12.75 -6.01
CA ASP B 330 0.46 11.57 -6.53
C ASP B 330 1.73 11.97 -7.24
N LYS B 331 1.53 12.66 -8.37
CA LYS B 331 2.60 13.13 -9.23
C LYS B 331 2.08 14.31 -10.07
N PRO B 332 2.98 15.06 -10.73
CA PRO B 332 2.50 16.20 -11.54
C PRO B 332 1.38 15.76 -12.47
N GLY B 333 0.34 16.58 -12.57
CA GLY B 333 -0.76 16.21 -13.44
C GLY B 333 -1.90 15.64 -12.61
N LYS B 334 -1.57 14.85 -11.59
CA LYS B 334 -2.59 14.24 -10.74
C LYS B 334 -3.24 15.26 -9.81
N SER B 335 -4.51 15.05 -9.50
CA SER B 335 -5.27 15.95 -8.62
C SER B 335 -4.88 15.81 -7.16
N ARG B 336 -5.27 16.80 -6.37
CA ARG B 336 -4.93 16.79 -4.95
C ARG B 336 -6.02 16.13 -4.11
N ASP B 337 -5.61 15.60 -2.97
CA ASP B 337 -6.54 14.96 -2.04
C ASP B 337 -5.83 14.79 -0.73
N PHE B 338 -6.62 14.61 0.31
CA PHE B 338 -6.06 14.48 1.63
C PHE B 338 -5.24 13.24 1.84
N TYR B 339 -5.52 12.19 1.10
CA TYR B 339 -4.74 10.99 1.27
C TYR B 339 -3.28 11.30 0.93
N HIS B 340 -3.03 11.80 -0.27
CA HIS B 340 -1.66 12.10 -0.67
C HIS B 340 -1.08 13.23 0.15
N THR B 341 -1.93 14.16 0.53
CA THR B 341 -1.44 15.24 1.33
C THR B 341 -0.84 14.58 2.56
N CYS B 342 -1.68 13.80 3.24
CA CYS B 342 -1.27 13.13 4.46
C CYS B 342 -0.02 12.29 4.36
N TYR B 343 0.19 11.62 3.23
CA TYR B 343 1.33 10.74 3.08
C TYR B 343 2.60 11.32 2.46
N CYS B 344 2.43 12.37 1.67
CA CYS B 344 3.58 13.01 1.08
C CYS B 344 4.31 13.64 2.24
N LEU B 345 3.55 14.38 3.03
CA LEU B 345 4.05 15.06 4.21
C LEU B 345 4.67 14.06 5.15
N SER B 346 4.00 12.94 5.32
CA SER B 346 4.49 11.90 6.19
C SER B 346 5.85 11.44 5.66
N GLY B 347 5.94 11.32 4.34
CA GLY B 347 7.19 10.89 3.74
C GLY B 347 8.24 11.95 3.98
N LEU B 348 7.88 13.19 3.68
CA LEU B 348 8.81 14.28 3.89
C LEU B 348 9.45 14.11 5.26
N SER B 349 8.61 14.19 6.29
CA SER B 349 9.08 14.07 7.66
C SER B 349 9.96 12.87 7.85
N ILE B 350 9.59 11.75 7.24
CA ILE B 350 10.44 10.61 7.43
C ILE B 350 11.81 10.93 6.89
N ALA B 351 11.82 11.56 5.73
CA ALA B 351 13.05 11.93 5.05
C ALA B 351 13.85 13.00 5.79
N GLN B 352 13.15 13.84 6.54
CA GLN B 352 13.82 14.90 7.26
C GLN B 352 14.38 14.49 8.61
N HIS B 353 13.85 13.43 9.23
CA HIS B 353 14.33 13.04 10.55
C HIS B 353 14.88 11.63 10.78
N PHE B 354 16.10 11.57 11.29
CA PHE B 354 16.75 10.30 11.58
C PHE B 354 16.99 10.20 13.08
N GLY B 355 17.13 8.97 13.57
CA GLY B 355 17.37 8.74 14.98
C GLY B 355 17.99 7.36 15.03
N SER B 356 18.56 6.97 16.16
CA SER B 356 19.18 5.65 16.27
C SER B 356 19.69 5.46 17.67
N GLY B 357 18.85 5.73 18.65
CA GLY B 357 19.31 5.61 20.02
C GLY B 357 19.39 7.02 20.55
N ALA B 358 20.47 7.74 20.24
CA ALA B 358 20.60 9.12 20.71
C ALA B 358 21.07 10.03 19.58
N MET B 359 21.15 9.47 18.38
CA MET B 359 21.60 10.23 17.23
C MET B 359 20.42 11.01 16.70
N LEU B 360 20.70 12.07 15.96
CA LEU B 360 19.61 12.88 15.47
C LEU B 360 20.03 13.73 14.31
N HIS B 361 20.32 13.10 13.19
CA HIS B 361 20.75 13.90 12.06
C HIS B 361 19.61 14.32 11.15
N ASP B 362 18.97 15.45 11.45
CA ASP B 362 17.89 15.87 10.57
C ASP B 362 18.46 16.35 9.23
N VAL B 363 17.66 16.32 8.17
CA VAL B 363 18.11 16.79 6.87
C VAL B 363 16.94 17.51 6.24
N VAL B 364 16.99 18.82 6.26
CA VAL B 364 15.90 19.60 5.73
C VAL B 364 16.21 20.27 4.40
N MET B 365 15.51 19.87 3.35
CA MET B 365 15.76 20.48 2.05
C MET B 365 15.21 21.89 1.92
N GLY B 366 15.96 22.74 1.22
CA GLY B 366 15.54 24.11 1.01
C GLY B 366 15.16 24.86 2.29
N VAL B 367 14.31 25.87 2.15
CA VAL B 367 13.90 26.67 3.29
C VAL B 367 13.75 25.83 4.56
N PRO B 368 14.48 26.19 5.61
CA PRO B 368 14.46 25.48 6.90
C PRO B 368 13.08 25.51 7.51
N GLU B 369 12.20 26.34 6.95
CA GLU B 369 10.85 26.42 7.45
C GLU B 369 10.16 25.19 6.90
N ASN B 370 10.88 24.45 6.07
CA ASN B 370 10.32 23.26 5.49
C ASN B 370 10.29 22.08 6.43
N VAL B 371 11.02 22.15 7.53
CA VAL B 371 11.01 21.00 8.44
C VAL B 371 9.63 20.73 9.08
N LEU B 372 9.30 19.45 9.23
CA LEU B 372 8.02 19.07 9.83
C LEU B 372 8.21 18.44 11.19
N GLN B 373 7.11 18.34 11.93
CA GLN B 373 7.09 17.70 13.24
C GLN B 373 7.39 16.22 12.93
N PRO B 374 7.91 15.46 13.91
CA PRO B 374 8.23 14.05 13.69
C PRO B 374 7.02 13.13 13.77
N THR B 375 7.12 12.00 13.07
CA THR B 375 6.06 11.01 13.01
C THR B 375 6.56 9.59 13.30
N HIS B 376 5.76 8.81 14.02
CA HIS B 376 6.13 7.44 14.38
C HIS B 376 6.06 6.49 13.20
N PRO B 377 7.18 5.85 12.88
CA PRO B 377 7.24 4.91 11.75
C PRO B 377 6.33 3.69 11.86
N VAL B 378 5.56 3.56 12.93
CA VAL B 378 4.73 2.36 12.99
C VAL B 378 3.26 2.68 12.90
N TYR B 379 2.89 3.72 13.62
CA TYR B 379 1.53 4.18 13.69
C TYR B 379 1.28 5.34 12.77
N ASN B 380 2.35 6.06 12.43
CA ASN B 380 2.27 7.23 11.58
C ASN B 380 1.50 8.33 12.27
N ILE B 381 1.89 8.61 13.49
CA ILE B 381 1.28 9.68 14.24
C ILE B 381 2.44 10.20 15.09
N GLY B 382 2.30 11.39 15.67
CA GLY B 382 3.39 11.95 16.45
C GLY B 382 3.92 11.02 17.52
N PRO B 383 5.23 10.75 17.50
CA PRO B 383 5.80 9.85 18.51
C PRO B 383 5.37 10.22 19.91
N ASP B 384 5.10 11.51 20.11
CA ASP B 384 4.69 11.93 21.42
C ASP B 384 3.27 11.46 21.67
N LYS B 385 2.43 11.51 20.63
CA LYS B 385 1.05 11.09 20.79
C LYS B 385 1.03 9.61 21.09
N VAL B 386 1.82 8.84 20.35
CA VAL B 386 1.90 7.41 20.57
C VAL B 386 2.19 7.15 22.07
N ILE B 387 3.38 7.56 22.50
CA ILE B 387 3.81 7.41 23.89
C ILE B 387 2.70 7.85 24.82
N GLN B 388 2.19 9.05 24.58
CA GLN B 388 1.12 9.56 25.41
C GLN B 388 -0.07 8.62 25.51
N ALA B 389 -0.47 8.05 24.38
CA ALA B 389 -1.62 7.18 24.39
C ALA B 389 -1.41 5.87 25.09
N THR B 390 -0.48 5.08 24.57
CA THR B 390 -0.20 3.78 25.14
C THR B 390 -0.13 3.85 26.65
N THR B 391 0.62 4.82 27.17
CA THR B 391 0.75 4.91 28.63
C THR B 391 -0.58 5.20 29.29
N HIS B 392 -1.40 6.03 28.70
CA HIS B 392 -2.68 6.32 29.31
C HIS B 392 -3.50 5.04 29.43
N PHE B 393 -3.60 4.30 28.32
CA PHE B 393 -4.35 3.04 28.29
C PHE B 393 -3.61 1.98 29.07
N LEU B 394 -2.33 2.20 29.30
CA LEU B 394 -1.56 1.22 30.05
C LEU B 394 -2.05 1.10 31.47
N GLN B 395 -2.62 2.17 31.99
CA GLN B 395 -3.08 2.14 33.35
C GLN B 395 -4.49 1.55 33.47
N LYS B 396 -4.92 0.89 32.41
CA LYS B 396 -6.21 0.23 32.36
C LYS B 396 -5.85 -1.23 32.22
N PRO B 397 -6.72 -2.13 32.69
CA PRO B 397 -6.41 -3.54 32.59
C PRO B 397 -6.83 -4.09 31.24
N VAL B 398 -6.04 -5.01 30.68
CA VAL B 398 -6.45 -5.56 29.41
C VAL B 398 -7.75 -6.28 29.68
N PRO B 399 -8.78 -5.97 28.90
CA PRO B 399 -10.09 -6.61 29.10
C PRO B 399 -10.08 -8.14 29.11
N GLY B 400 -9.70 -8.73 30.24
CA GLY B 400 -9.66 -10.19 30.34
C GLY B 400 -11.09 -10.68 30.55
N PHE B 401 -11.41 -11.85 30.06
CA PHE B 401 -12.63 -12.42 30.30
C PHE B 401 -12.48 -14.05 30.17
ZN ZN C . -0.49 7.53 -4.28
P HFP D . -1.98 0.26 -6.38
O1P HFP D . -2.41 0.37 -7.80
O2P HFP D . -0.52 -0.28 -6.27
O3P HFP D . -2.05 1.64 -5.68
C1 HFP D . -3.15 -0.96 -5.49
O1 HFP D . -4.45 -0.88 -6.12
C2 HFP D . -3.35 -0.64 -3.97
C3 HFP D . -3.76 -1.56 -2.97
C4 HFP D . -4.07 -3.03 -3.29
C5 HFP D . -3.93 -1.14 -1.49
C6 HFP D . -2.78 -0.20 -0.98
C7 HFP D . -2.59 -0.25 0.53
C8 HFP D . -2.15 0.82 1.24
C9 HFP D . -1.83 2.14 0.53
C10 HFP D . -1.94 0.73 2.75
C11 HFP D . -3.26 0.77 3.51
C12 HFP D . -2.97 0.68 4.99
C13 HFP D . -3.93 0.70 5.94
C14 HFP D . -5.40 0.85 5.60
C15 HFP D . -3.58 0.61 7.41
C8 FTL E . -6.22 7.14 -3.36
N2 FTL E . -6.02 5.79 -3.94
C40 FTL E . -5.96 4.65 -3.15
C43 FTL E . -5.65 3.38 -3.71
C44 FTL E . -5.53 2.25 -2.88
C45 FTL E . -5.72 2.38 -1.49
C46 FTL E . -6.02 3.63 -0.92
C47 FTL E . -6.15 4.75 -1.76
C51 FTL E . -6.24 3.84 0.55
C52 FTL E . -7.48 4.33 1.06
C53 FTL E . -7.61 4.59 2.49
C54 FTL E . -6.52 4.34 3.34
C55 FTL E . -5.31 3.85 2.82
C56 FTL E . -5.18 3.59 1.44
C65 FTL E . -5.61 1.18 -0.68
C7 FTL E . -8.82 5.09 3.01
N1 FTL E . -5.53 0.23 -0.02
C2 FTL E . -8.59 4.59 0.22
C3 FTL E . -9.90 5.33 2.14
C4 FTL E . -9.80 5.09 0.76
N3 FTL E . -2.15 6.66 -5.69
C10 FTL E . -3.20 6.32 -4.87
C12 FTL E . -4.29 6.11 -5.78
N4 FTL E . -3.85 6.30 -7.03
C5 FTL E . -2.53 6.64 -7.02
C15 FTL E . -4.66 6.14 -8.24
C16 FTL E . -8.81 7.13 -3.11
C11 FTL E . -7.55 7.70 -2.86
C13 FTL E . -7.47 8.90 -2.12
C14 FTL E . -8.64 9.52 -1.64
C17 FTL E . -9.89 8.94 -1.88
C6 FTL E . -9.99 7.73 -2.62
C9 FTL E . -8.55 10.76 -0.91
N5 FTL E . -8.48 11.77 -0.35
C18 FTL E . -5.72 5.73 -5.39
#